data_5HKW
#
_entry.id   5HKW
#
_cell.length_a   159.116
_cell.length_b   106.523
_cell.length_c   84.984
_cell.angle_alpha   90.000
_cell.angle_beta   92.130
_cell.angle_gamma   90.000
#
_symmetry.space_group_name_H-M   'C 1 2 1'
#
loop_
_entity.id
_entity.type
_entity.pdbx_description
1 polymer 'E3 ubiquitin-protein ligase CBL'
2 non-polymer 'SODIUM ION'
3 water water
#
_entity_poly.entity_id   1
_entity_poly.type   'polypeptide(L)'
_entity_poly.pdbx_seq_one_letter_code
;SNAPPGTVDKKMVEKCWKLMDKVVRLCQNPKLALKNSPPYILDLLPDTYQHLRTILSRYEGKMETLGENEYFRVFMENLM
KKTKQTISLFKEGKERMYEENSQPRRNLTKLSLIFSHMLAELKGIFPSGLFQGDTFRITKADAAEFWRKAFGEKTIVPWK
SFRQALHEVHPISSGLEAMALKSTIDLTCNDYISVFEFDIFTRLFQPWSSLLRNWNSLAVTHPGYMAFLTYDEVKARLQK
FIHKPGSYIFRLSCTRLGQWAIGYVTADGNILQTIPHNKPLFQALIDGFREGFYLFPDGRNQNPDLTG
;
_entity_poly.pdbx_strand_id   A,B,C
#
loop_
_chem_comp.id
_chem_comp.type
_chem_comp.name
_chem_comp.formula
NA non-polymer 'SODIUM ION' 'Na 1'
#
# COMPACT_ATOMS: atom_id res chain seq x y z
N PRO A 5 7.28 -24.61 10.38
CA PRO A 5 5.94 -24.22 9.91
C PRO A 5 4.87 -25.07 10.61
N GLY A 6 4.32 -24.52 11.70
CA GLY A 6 3.53 -25.33 12.63
C GLY A 6 2.12 -25.63 12.17
N THR A 7 1.60 -26.74 12.69
CA THR A 7 0.26 -27.21 12.35
C THR A 7 -0.82 -26.23 12.81
N VAL A 8 -1.72 -25.88 11.91
CA VAL A 8 -2.74 -24.88 12.22
C VAL A 8 -3.88 -25.56 12.99
N ASP A 9 -4.38 -24.87 14.01
CA ASP A 9 -5.53 -25.31 14.78
C ASP A 9 -6.37 -24.10 15.19
N LYS A 10 -7.48 -24.35 15.89
CA LYS A 10 -8.39 -23.29 16.31
C LYS A 10 -7.64 -22.18 17.05
N LYS A 11 -6.78 -22.53 18.00
CA LYS A 11 -6.18 -21.48 18.81
C LYS A 11 -5.21 -20.61 18.01
N MET A 12 -4.54 -21.19 17.00
CA MET A 12 -3.67 -20.37 16.15
C MET A 12 -4.51 -19.41 15.33
N VAL A 13 -5.59 -19.91 14.73
CA VAL A 13 -6.52 -19.09 13.97
C VAL A 13 -7.08 -17.97 14.83
N GLU A 14 -7.52 -18.30 16.04
CA GLU A 14 -8.07 -17.27 16.92
C GLU A 14 -7.00 -16.27 17.34
N LYS A 15 -5.74 -16.70 17.48
CA LYS A 15 -4.69 -15.73 17.80
C LYS A 15 -4.48 -14.78 16.62
N CYS A 16 -4.53 -15.32 15.41
CA CYS A 16 -4.54 -14.50 14.20
C CYS A 16 -5.62 -13.43 14.25
N TRP A 17 -6.84 -13.80 14.59
CA TRP A 17 -7.88 -12.78 14.58
C TRP A 17 -7.63 -11.75 15.66
N LYS A 18 -7.13 -12.18 16.83
CA LYS A 18 -6.79 -11.21 17.87
C LYS A 18 -5.70 -10.24 17.40
N LEU A 19 -4.68 -10.74 16.69
CA LEU A 19 -3.64 -9.84 16.17
C LEU A 19 -4.18 -8.94 15.08
N MET A 20 -5.02 -9.50 14.18
CA MET A 20 -5.61 -8.68 13.12
C MET A 20 -6.49 -7.57 13.70
N ASP A 21 -7.33 -7.89 14.70
CA ASP A 21 -8.07 -6.85 15.41
C ASP A 21 -7.17 -5.72 15.89
N LYS A 22 -6.00 -6.05 16.46
CA LYS A 22 -5.14 -4.97 16.96
C LYS A 22 -4.70 -4.06 15.82
N VAL A 23 -4.28 -4.64 14.69
CA VAL A 23 -3.87 -3.84 13.54
C VAL A 23 -5.03 -2.98 13.06
N VAL A 24 -6.24 -3.55 13.00
CA VAL A 24 -7.40 -2.75 12.59
C VAL A 24 -7.56 -1.54 13.50
N ARG A 25 -7.55 -1.75 14.82
CA ARG A 25 -7.70 -0.60 15.71
C ARG A 25 -6.60 0.43 15.47
N LEU A 26 -5.34 -0.01 15.37
CA LEU A 26 -4.24 0.92 15.09
C LEU A 26 -4.51 1.74 13.84
N CYS A 27 -5.00 1.08 12.77
CA CYS A 27 -5.17 1.81 11.52
C CYS A 27 -6.45 2.63 11.47
N GLN A 28 -7.33 2.49 12.47
CA GLN A 28 -8.54 3.31 12.53
C GLN A 28 -8.30 4.68 13.15
N ASN A 29 -7.20 4.85 13.88
CA ASN A 29 -6.85 6.14 14.48
C ASN A 29 -7.02 7.26 13.47
N PRO A 30 -7.81 8.30 13.78
CA PRO A 30 -8.03 9.36 12.78
C PRO A 30 -6.78 10.18 12.47
N LYS A 31 -5.81 10.27 13.39
CA LYS A 31 -4.63 11.07 13.07
C LYS A 31 -3.73 10.42 12.02
N LEU A 32 -4.07 9.23 11.50
CA LEU A 32 -3.37 8.70 10.35
C LEU A 32 -3.90 9.20 9.03
N ALA A 33 -5.11 9.75 9.01
CA ALA A 33 -5.70 10.22 7.75
C ALA A 33 -5.59 9.13 6.69
N LEU A 34 -5.73 7.87 7.13
CA LEU A 34 -5.45 6.73 6.27
C LEU A 34 -6.35 6.76 5.05
N LYS A 35 -5.77 7.03 3.88
CA LYS A 35 -6.54 7.15 2.66
C LYS A 35 -7.07 5.78 2.22
N ASN A 36 -8.21 5.80 1.54
CA ASN A 36 -8.91 4.59 1.12
C ASN A 36 -8.27 3.91 -0.10
N SER A 37 -7.24 4.48 -0.69
CA SER A 37 -6.68 3.94 -1.94
C SER A 37 -6.21 2.50 -1.75
N PRO A 38 -6.39 1.62 -2.74
CA PRO A 38 -5.77 0.30 -2.61
C PRO A 38 -4.25 0.41 -2.65
N PRO A 39 -3.54 -0.38 -1.85
CA PRO A 39 -4.08 -1.35 -0.90
C PRO A 39 -4.54 -0.66 0.37
N TYR A 40 -5.73 -1.03 0.85
CA TYR A 40 -6.38 -0.40 1.99
C TYR A 40 -6.54 -1.43 3.09
N ILE A 41 -5.66 -1.36 4.08
CA ILE A 41 -5.59 -2.42 5.09
C ILE A 41 -6.92 -2.62 5.78
N LEU A 42 -7.72 -1.56 5.92
CA LEU A 42 -8.99 -1.70 6.66
C LEU A 42 -10.01 -2.51 5.89
N ASP A 43 -9.94 -2.56 4.55
CA ASP A 43 -10.71 -3.55 3.79
C ASP A 43 -10.02 -4.93 3.72
N LEU A 44 -8.69 -4.94 3.58
CA LEU A 44 -7.99 -6.20 3.32
C LEU A 44 -8.17 -7.16 4.48
N LEU A 45 -8.13 -6.65 5.69
CA LEU A 45 -8.08 -7.56 6.83
C LEU A 45 -9.44 -8.20 7.09
N PRO A 46 -10.54 -7.43 7.05
CA PRO A 46 -11.87 -8.06 7.05
C PRO A 46 -12.06 -9.04 5.91
N ASP A 47 -11.61 -8.70 4.70
CA ASP A 47 -11.72 -9.64 3.59
C ASP A 47 -10.92 -10.90 3.83
N THR A 48 -9.75 -10.77 4.47
CA THR A 48 -8.96 -11.95 4.76
C THR A 48 -9.64 -12.79 5.81
N TYR A 49 -10.19 -12.11 6.83
CA TYR A 49 -11.01 -12.80 7.80
C TYR A 49 -12.15 -13.56 7.12
N GLN A 50 -12.89 -12.91 6.22
CA GLN A 50 -14.01 -13.63 5.61
C GLN A 50 -13.54 -14.84 4.81
N HIS A 51 -12.46 -14.69 4.03
CA HIS A 51 -12.04 -15.87 3.25
C HIS A 51 -11.53 -16.97 4.15
N LEU A 52 -10.89 -16.62 5.26
CA LEU A 52 -10.42 -17.65 6.18
C LEU A 52 -11.59 -18.37 6.83
N ARG A 53 -12.62 -17.62 7.25
CA ARG A 53 -13.83 -18.28 7.75
C ARG A 53 -14.36 -19.26 6.72
N THR A 54 -14.42 -18.82 5.46
CA THR A 54 -14.92 -19.70 4.41
C THR A 54 -14.09 -20.97 4.32
N ILE A 55 -12.75 -20.86 4.39
CA ILE A 55 -11.90 -22.03 4.40
C ILE A 55 -12.26 -22.94 5.57
N LEU A 56 -12.30 -22.38 6.77
CA LEU A 56 -12.59 -23.17 7.96
C LEU A 56 -13.93 -23.87 7.83
N SER A 57 -14.92 -23.17 7.31
CA SER A 57 -16.21 -23.77 7.05
C SER A 57 -16.10 -24.99 6.14
N ARG A 58 -15.36 -24.87 5.04
CA ARG A 58 -15.23 -26.00 4.12
C ARG A 58 -14.57 -27.21 4.78
N TYR A 59 -13.70 -26.99 5.75
CA TYR A 59 -12.94 -28.08 6.34
C TYR A 59 -13.48 -28.48 7.70
N GLU A 60 -14.72 -28.08 8.02
CA GLU A 60 -15.47 -28.69 9.12
C GLU A 60 -15.48 -30.19 8.97
N GLY A 61 -15.17 -30.89 10.07
CA GLY A 61 -15.06 -32.34 10.05
C GLY A 61 -13.70 -32.84 9.61
N LYS A 62 -12.99 -32.07 8.79
CA LYS A 62 -11.71 -32.47 8.22
C LYS A 62 -10.59 -31.54 8.65
N MET A 63 -10.59 -31.12 9.92
CA MET A 63 -9.60 -30.11 10.33
C MET A 63 -8.17 -30.65 10.32
N GLU A 64 -7.99 -31.96 10.51
CA GLU A 64 -6.65 -32.53 10.35
C GLU A 64 -6.11 -32.25 8.96
N THR A 65 -6.89 -32.56 7.91
CA THR A 65 -6.44 -32.32 6.54
C THR A 65 -5.99 -30.87 6.34
N LEU A 66 -6.85 -29.92 6.71
CA LEU A 66 -6.52 -28.52 6.49
C LEU A 66 -5.24 -28.13 7.21
N GLY A 67 -5.13 -28.50 8.50
CA GLY A 67 -4.03 -28.04 9.33
C GLY A 67 -2.69 -28.64 8.96
N GLU A 68 -2.69 -29.78 8.25
CA GLU A 68 -1.46 -30.38 7.73
C GLU A 68 -1.09 -29.87 6.34
N ASN A 69 -1.96 -29.11 5.69
CA ASN A 69 -1.64 -28.55 4.39
C ASN A 69 -0.38 -27.70 4.48
N GLU A 70 0.62 -28.02 3.65
CA GLU A 70 1.88 -27.28 3.72
C GLU A 70 1.66 -25.82 3.36
N TYR A 71 0.87 -25.55 2.30
CA TYR A 71 0.66 -24.17 1.89
C TYR A 71 -0.07 -23.39 2.98
N PHE A 72 -1.05 -24.00 3.62
CA PHE A 72 -1.79 -23.28 4.64
C PHE A 72 -0.94 -23.01 5.88
N ARG A 73 -0.10 -23.97 6.27
CA ARG A 73 0.77 -23.76 7.43
C ARG A 73 1.72 -22.59 7.21
N VAL A 74 2.30 -22.50 6.01
CA VAL A 74 3.20 -21.40 5.70
C VAL A 74 2.41 -20.10 5.59
N PHE A 75 1.18 -20.18 5.09
CA PHE A 75 0.43 -18.95 4.92
C PHE A 75 0.05 -18.36 6.28
N MET A 76 -0.40 -19.21 7.19
CA MET A 76 -0.84 -18.72 8.49
C MET A 76 0.34 -18.20 9.29
N GLU A 77 1.46 -18.92 9.25
CA GLU A 77 2.67 -18.44 9.89
C GLU A 77 3.04 -17.06 9.36
N ASN A 78 2.98 -16.89 8.04
CA ASN A 78 3.33 -15.59 7.48
C ASN A 78 2.32 -14.54 7.87
N LEU A 79 1.05 -14.91 7.93
CA LEU A 79 0.03 -13.93 8.32
C LEU A 79 0.27 -13.47 9.77
N MET A 80 0.53 -14.41 10.67
CA MET A 80 0.86 -14.03 12.04
C MET A 80 2.13 -13.17 12.09
N LYS A 81 3.13 -13.50 11.26
CA LYS A 81 4.38 -12.74 11.33
C LYS A 81 4.17 -11.31 10.84
N LYS A 82 3.47 -11.13 9.72
CA LYS A 82 3.28 -9.78 9.16
C LYS A 82 2.38 -8.91 10.04
N THR A 83 1.41 -9.51 10.72
CA THR A 83 0.59 -8.65 11.58
C THR A 83 1.37 -8.22 12.83
N LYS A 84 2.11 -9.14 13.44
CA LYS A 84 3.06 -8.76 14.50
C LYS A 84 4.02 -7.65 14.05
N GLN A 85 4.57 -7.76 12.85
CA GLN A 85 5.41 -6.71 12.29
C GLN A 85 4.68 -5.39 12.22
N THR A 86 3.42 -5.42 11.79
CA THR A 86 2.65 -4.19 11.68
C THR A 86 2.42 -3.60 13.05
N ILE A 87 2.07 -4.43 14.02
CA ILE A 87 1.90 -4.00 15.41
C ILE A 87 3.21 -3.39 15.93
N SER A 88 4.35 -4.08 15.74
CA SER A 88 5.64 -3.50 16.13
C SER A 88 5.88 -2.19 15.42
N LEU A 89 5.54 -2.13 14.14
CA LEU A 89 5.79 -0.91 13.38
C LEU A 89 5.14 0.28 14.06
N PHE A 90 3.94 0.12 14.59
CA PHE A 90 3.25 1.22 15.25
C PHE A 90 3.89 1.54 16.59
N LYS A 91 4.28 0.50 17.33
CA LYS A 91 4.78 0.67 18.68
C LYS A 91 6.05 1.51 18.69
N GLU A 92 6.90 1.36 17.67
CA GLU A 92 8.18 2.06 17.63
C GLU A 92 8.15 3.29 16.77
N GLY A 93 7.27 3.36 15.78
CA GLY A 93 7.15 4.57 14.99
C GLY A 93 6.54 5.71 15.78
N LYS A 94 5.74 5.39 16.79
CA LYS A 94 5.09 6.37 17.67
C LYS A 94 4.56 7.55 16.88
N GLU A 95 5.02 8.76 17.20
CA GLU A 95 4.44 9.97 16.64
C GLU A 95 4.64 10.05 15.12
N ARG A 96 5.66 9.40 14.57
CA ARG A 96 5.90 9.47 13.14
C ARG A 96 4.88 8.69 12.32
N MET A 97 4.06 7.84 12.94
CA MET A 97 3.01 7.18 12.19
C MET A 97 2.00 8.16 11.65
N TYR A 98 1.97 9.38 12.17
CA TYR A 98 1.05 10.41 11.72
C TYR A 98 1.72 11.40 10.79
N GLU A 99 3.02 11.29 10.56
CA GLU A 99 3.68 12.04 9.49
C GLU A 99 3.48 11.31 8.17
N GLU A 100 2.88 11.98 7.19
CA GLU A 100 2.40 11.29 6.00
C GLU A 100 3.54 10.62 5.24
N ASN A 101 4.71 11.26 5.17
CA ASN A 101 5.81 10.75 4.37
C ASN A 101 6.97 10.21 5.22
N SER A 102 6.72 9.87 6.48
CA SER A 102 7.77 9.31 7.32
C SER A 102 8.13 7.91 6.85
N GLN A 103 9.29 7.45 7.29
CA GLN A 103 9.73 6.14 6.86
C GLN A 103 8.87 5.07 7.51
N PRO A 104 8.43 5.25 8.76
CA PRO A 104 7.51 4.24 9.33
C PRO A 104 6.14 4.19 8.66
N ARG A 105 5.70 5.25 8.00
CA ARG A 105 4.45 5.12 7.29
C ARG A 105 4.64 4.65 5.87
N ARG A 106 5.84 4.81 5.31
CA ARG A 106 6.12 4.13 4.05
C ARG A 106 6.27 2.64 4.28
N ASN A 107 6.76 2.25 5.45
CA ASN A 107 6.76 0.84 5.79
C ASN A 107 5.35 0.28 5.96
N LEU A 108 4.39 1.12 6.37
CA LEU A 108 3.03 0.63 6.56
C LEU A 108 2.39 0.38 5.20
N THR A 109 2.62 1.28 4.25
CA THR A 109 2.23 1.08 2.87
C THR A 109 2.78 -0.26 2.35
N LYS A 110 4.08 -0.48 2.56
CA LYS A 110 4.70 -1.72 2.10
C LYS A 110 4.03 -2.95 2.72
N LEU A 111 3.76 -2.92 4.02
CA LEU A 111 3.02 -4.03 4.61
C LEU A 111 1.61 -4.15 4.05
N SER A 112 1.02 -3.03 3.63
CA SER A 112 -0.34 -3.05 3.14
C SER A 112 -0.40 -3.76 1.79
N LEU A 113 0.60 -3.51 0.93
CA LEU A 113 0.73 -4.26 -0.32
C LEU A 113 0.84 -5.75 -0.05
N ILE A 114 1.67 -6.12 0.93
CA ILE A 114 1.85 -7.54 1.21
C ILE A 114 0.54 -8.19 1.64
N PHE A 115 -0.22 -7.53 2.54
CA PHE A 115 -1.54 -8.05 2.92
C PHE A 115 -2.43 -8.22 1.69
N SER A 116 -2.32 -7.28 0.74
CA SER A 116 -3.07 -7.41 -0.50
C SER A 116 -2.62 -8.65 -1.27
N HIS A 117 -1.30 -8.83 -1.43
CA HIS A 117 -0.80 -9.98 -2.17
C HIS A 117 -1.19 -11.28 -1.49
N MET A 118 -1.10 -11.29 -0.16
CA MET A 118 -1.44 -12.50 0.59
C MET A 118 -2.89 -12.87 0.40
N LEU A 119 -3.80 -11.89 0.45
CA LEU A 119 -5.19 -12.21 0.24
C LEU A 119 -5.38 -12.78 -1.15
N ALA A 120 -4.81 -12.12 -2.16
CA ALA A 120 -4.94 -12.58 -3.54
C ALA A 120 -4.42 -14.02 -3.68
N GLU A 121 -3.22 -14.29 -3.14
CA GLU A 121 -2.69 -15.65 -3.20
C GLU A 121 -3.65 -16.64 -2.57
N LEU A 122 -4.17 -16.31 -1.37
CA LEU A 122 -5.04 -17.24 -0.66
C LEU A 122 -6.29 -17.53 -1.50
N LYS A 123 -6.82 -16.52 -2.18
CA LYS A 123 -7.99 -16.75 -3.04
C LYS A 123 -7.61 -17.56 -4.29
N GLY A 124 -6.40 -17.38 -4.82
CA GLY A 124 -6.02 -18.19 -5.96
C GLY A 124 -5.80 -19.65 -5.60
N ILE A 125 -5.32 -19.93 -4.38
CA ILE A 125 -5.05 -21.31 -3.94
C ILE A 125 -6.27 -21.97 -3.31
N PHE A 126 -7.10 -21.21 -2.60
CA PHE A 126 -8.33 -21.70 -1.98
C PHE A 126 -9.55 -21.00 -2.57
N PRO A 127 -9.76 -21.09 -3.89
CA PRO A 127 -10.97 -20.49 -4.45
C PRO A 127 -12.19 -21.10 -3.76
N SER A 128 -13.08 -20.24 -3.28
CA SER A 128 -14.28 -20.71 -2.59
C SER A 128 -13.96 -21.48 -1.31
N GLY A 129 -12.76 -21.33 -0.77
CA GLY A 129 -12.42 -21.96 0.49
C GLY A 129 -11.89 -23.36 0.39
N LEU A 130 -11.77 -23.91 -0.82
CA LEU A 130 -11.31 -25.27 -1.04
C LEU A 130 -9.90 -25.30 -1.65
N PHE A 131 -9.00 -26.12 -1.10
CA PHE A 131 -7.62 -26.10 -1.57
C PHE A 131 -7.55 -26.63 -3.00
N GLN A 132 -7.05 -25.80 -3.92
CA GLN A 132 -6.82 -26.20 -5.31
C GLN A 132 -5.39 -25.92 -5.73
N GLY A 133 -4.46 -25.89 -4.78
CA GLY A 133 -3.07 -25.61 -5.13
C GLY A 133 -2.52 -26.54 -6.20
N ASP A 134 -2.83 -27.82 -6.09
CA ASP A 134 -2.23 -28.82 -6.95
C ASP A 134 -2.89 -28.89 -8.32
N THR A 135 -3.96 -28.15 -8.54
CA THR A 135 -4.53 -28.00 -9.87
C THR A 135 -4.45 -26.57 -10.36
N PHE A 136 -3.65 -25.72 -9.73
CA PHE A 136 -3.57 -24.33 -10.15
C PHE A 136 -3.11 -24.26 -11.61
N ARG A 137 -3.72 -23.39 -12.38
CA ARG A 137 -3.41 -23.29 -13.80
C ARG A 137 -2.45 -22.14 -14.03
N ILE A 138 -1.24 -22.46 -14.49
CA ILE A 138 -0.25 -21.43 -14.83
C ILE A 138 -0.54 -20.95 -16.22
N THR A 139 -0.49 -19.63 -16.41
CA THR A 139 -1.09 -19.01 -17.58
C THR A 139 -0.23 -19.25 -18.81
N LYS A 140 1.08 -19.03 -18.70
CA LYS A 140 2.00 -19.19 -19.81
C LYS A 140 2.50 -20.64 -19.88
N ALA A 141 2.48 -21.18 -21.08
CA ALA A 141 2.66 -22.63 -21.26
C ALA A 141 4.11 -23.05 -20.98
N ASP A 142 5.08 -22.25 -21.44
CA ASP A 142 6.47 -22.60 -21.10
C ASP A 142 6.70 -22.55 -19.60
N ALA A 143 6.01 -21.65 -18.90
CA ALA A 143 6.19 -21.54 -17.45
C ALA A 143 5.51 -22.70 -16.76
N ALA A 144 4.30 -23.06 -17.22
CA ALA A 144 3.63 -24.22 -16.66
C ALA A 144 4.50 -25.46 -16.80
N GLU A 145 5.08 -25.67 -17.98
CA GLU A 145 5.97 -26.81 -18.17
C GLU A 145 7.15 -26.79 -17.21
N PHE A 146 7.77 -25.62 -17.03
CA PHE A 146 8.89 -25.53 -16.08
C PHE A 146 8.46 -25.95 -14.69
N TRP A 147 7.35 -25.42 -14.20
CA TRP A 147 6.91 -25.75 -12.85
C TRP A 147 6.65 -27.24 -12.74
N ARG A 148 5.88 -27.79 -13.70
CA ARG A 148 5.44 -29.18 -13.64
C ARG A 148 6.64 -30.13 -13.63
N LYS A 149 7.68 -29.80 -14.40
CA LYS A 149 8.87 -30.64 -14.46
C LYS A 149 9.74 -30.51 -13.21
N ALA A 150 9.94 -29.29 -12.71
CA ALA A 150 10.83 -29.13 -11.57
C ALA A 150 10.14 -29.46 -10.25
N PHE A 151 8.82 -29.22 -10.16
CA PHE A 151 8.10 -29.21 -8.90
C PHE A 151 6.84 -30.07 -8.92
N GLY A 152 6.49 -30.65 -10.05
CA GLY A 152 5.30 -31.47 -10.10
C GLY A 152 4.06 -30.65 -9.82
N GLU A 153 3.33 -31.02 -8.78
CA GLU A 153 2.13 -30.30 -8.40
C GLU A 153 2.27 -29.63 -7.03
N LYS A 154 3.50 -29.46 -6.57
CA LYS A 154 3.73 -28.63 -5.39
C LYS A 154 3.08 -27.27 -5.57
N THR A 155 2.60 -26.73 -4.45
CA THR A 155 2.00 -25.41 -4.44
C THR A 155 3.01 -24.35 -4.06
N ILE A 156 3.97 -24.73 -3.24
CA ILE A 156 4.92 -23.77 -2.69
C ILE A 156 6.29 -24.45 -2.54
N VAL A 157 7.35 -23.72 -2.90
CA VAL A 157 8.70 -24.29 -2.78
C VAL A 157 9.61 -23.26 -2.12
N PRO A 158 10.54 -23.67 -1.26
CA PRO A 158 11.46 -22.69 -0.64
C PRO A 158 12.24 -21.95 -1.71
N TRP A 159 12.58 -20.69 -1.40
CA TRP A 159 13.29 -19.85 -2.36
C TRP A 159 14.54 -20.55 -2.92
N LYS A 160 15.33 -21.19 -2.04
CA LYS A 160 16.58 -21.77 -2.49
C LYS A 160 16.36 -22.81 -3.60
N SER A 161 15.40 -23.73 -3.39
CA SER A 161 15.13 -24.69 -4.45
C SER A 161 14.62 -24.00 -5.70
N PHE A 162 13.74 -22.98 -5.55
CA PHE A 162 13.22 -22.31 -6.74
C PHE A 162 14.36 -21.68 -7.53
N ARG A 163 15.23 -20.94 -6.83
CA ARG A 163 16.36 -20.30 -7.47
C ARG A 163 17.22 -21.31 -8.22
N GLN A 164 17.62 -22.39 -7.52
CA GLN A 164 18.40 -23.46 -8.17
C GLN A 164 17.71 -24.01 -9.41
N ALA A 165 16.42 -24.33 -9.30
CA ALA A 165 15.73 -24.89 -10.45
C ALA A 165 15.71 -23.88 -11.58
N LEU A 166 15.36 -22.63 -11.26
CA LEU A 166 15.27 -21.63 -12.32
C LEU A 166 16.65 -21.34 -12.93
N HIS A 167 17.70 -21.29 -12.10
CA HIS A 167 19.04 -20.98 -12.62
C HIS A 167 19.46 -21.94 -13.74
N GLU A 168 19.10 -23.23 -13.61
CA GLU A 168 19.47 -24.23 -14.63
C GLU A 168 18.85 -23.99 -15.98
N VAL A 169 17.73 -23.28 -16.04
CA VAL A 169 17.08 -22.92 -17.30
C VAL A 169 17.35 -21.46 -17.69
N HIS A 170 17.32 -20.55 -16.71
CA HIS A 170 17.51 -19.11 -16.91
C HIS A 170 18.61 -18.70 -15.95
N PRO A 171 19.87 -18.74 -16.38
CA PRO A 171 20.97 -18.45 -15.46
C PRO A 171 20.81 -17.09 -14.80
N ILE A 172 21.01 -17.07 -13.49
CA ILE A 172 21.05 -15.87 -12.68
C ILE A 172 22.52 -15.50 -12.45
N SER A 173 22.91 -14.28 -12.82
CA SER A 173 24.34 -13.93 -12.95
C SER A 173 25.05 -13.64 -11.63
N SER A 174 24.35 -13.36 -10.54
CA SER A 174 25.05 -13.02 -9.31
C SER A 174 24.12 -13.11 -8.12
N GLY A 175 24.72 -13.24 -6.93
CA GLY A 175 23.94 -13.18 -5.71
C GLY A 175 23.05 -11.96 -5.68
N LEU A 176 23.54 -10.84 -6.22
CA LEU A 176 22.76 -9.60 -6.16
C LEU A 176 21.54 -9.69 -7.07
N GLU A 177 21.71 -10.21 -8.28
CA GLU A 177 20.57 -10.41 -9.15
C GLU A 177 19.56 -11.36 -8.50
N ALA A 178 20.05 -12.36 -7.78
CA ALA A 178 19.16 -13.31 -7.15
C ALA A 178 18.30 -12.63 -6.10
N MET A 179 18.88 -11.70 -5.33
CA MET A 179 18.09 -11.02 -4.30
C MET A 179 17.09 -10.09 -4.92
N ALA A 180 17.49 -9.39 -5.96
CA ALA A 180 16.57 -8.48 -6.60
C ALA A 180 15.43 -9.28 -7.24
N LEU A 181 15.74 -10.45 -7.81
CA LEU A 181 14.69 -11.30 -8.34
C LEU A 181 13.78 -11.80 -7.22
N LYS A 182 14.36 -12.19 -6.09
CA LYS A 182 13.50 -12.61 -4.98
C LYS A 182 12.53 -11.51 -4.59
N SER A 183 12.99 -10.25 -4.61
CA SER A 183 12.12 -9.16 -4.18
C SER A 183 10.96 -8.96 -5.14
N THR A 184 11.16 -9.28 -6.41
CA THR A 184 10.12 -9.08 -7.41
C THR A 184 9.10 -10.22 -7.38
N ILE A 185 9.53 -11.46 -7.14
CA ILE A 185 8.62 -12.59 -7.32
C ILE A 185 8.00 -13.00 -5.99
N ASP A 186 8.75 -12.87 -4.88
CA ASP A 186 8.26 -13.29 -3.56
C ASP A 186 7.32 -12.21 -2.99
N LEU A 187 6.12 -12.14 -3.59
CA LEU A 187 5.19 -11.05 -3.29
C LEU A 187 4.77 -11.04 -1.84
N THR A 188 4.52 -12.22 -1.25
CA THR A 188 4.15 -12.31 0.16
C THR A 188 5.34 -12.19 1.12
N CYS A 189 6.57 -11.97 0.63
CA CYS A 189 7.78 -11.88 1.47
C CYS A 189 7.84 -12.95 2.57
N ASN A 190 7.64 -14.22 2.18
CA ASN A 190 7.75 -15.33 3.14
C ASN A 190 8.86 -16.33 2.81
N ASP A 191 9.78 -15.99 1.91
CA ASP A 191 10.91 -16.82 1.51
C ASP A 191 10.48 -18.10 0.80
N TYR A 192 9.22 -18.17 0.35
CA TYR A 192 8.75 -19.22 -0.54
C TYR A 192 8.26 -18.60 -1.84
N ILE A 193 8.18 -19.44 -2.87
CA ILE A 193 7.58 -19.06 -4.14
C ILE A 193 6.41 -20.02 -4.29
N SER A 194 5.21 -19.47 -4.27
CA SER A 194 4.02 -20.24 -4.60
C SER A 194 3.86 -20.32 -6.10
N VAL A 195 3.09 -21.31 -6.55
CA VAL A 195 2.75 -21.41 -7.96
C VAL A 195 1.97 -20.16 -8.40
N PHE A 196 1.16 -19.61 -7.51
CA PHE A 196 0.48 -18.33 -7.77
C PHE A 196 1.49 -17.19 -8.04
N GLU A 197 2.50 -17.06 -7.18
CA GLU A 197 3.49 -16.00 -7.37
C GLU A 197 4.27 -16.23 -8.65
N PHE A 198 4.56 -17.49 -8.98
CA PHE A 198 5.30 -17.80 -10.20
C PHE A 198 4.42 -17.52 -11.42
N ASP A 199 3.13 -17.79 -11.33
CA ASP A 199 2.21 -17.42 -12.42
C ASP A 199 2.30 -15.93 -12.74
N ILE A 200 2.20 -15.10 -11.70
CA ILE A 200 2.16 -13.65 -11.87
C ILE A 200 3.44 -13.16 -12.53
N PHE A 201 4.58 -13.64 -12.04
CA PHE A 201 5.88 -13.19 -12.53
C PHE A 201 6.08 -13.57 -13.99
N THR A 202 5.77 -14.82 -14.36
CA THR A 202 5.99 -15.24 -15.74
C THR A 202 4.97 -14.58 -16.68
N ARG A 203 3.78 -14.22 -16.18
CA ARG A 203 2.90 -13.41 -17.03
C ARG A 203 3.47 -12.04 -17.28
N LEU A 204 3.94 -11.37 -16.23
CA LEU A 204 4.43 -10.00 -16.40
C LEU A 204 5.62 -9.95 -17.33
N PHE A 205 6.57 -10.88 -17.18
CA PHE A 205 7.86 -10.79 -17.87
C PHE A 205 8.00 -11.83 -18.99
N GLN A 206 6.89 -12.27 -19.54
CA GLN A 206 6.90 -13.09 -20.76
C GLN A 206 7.48 -12.30 -21.92
N PRO A 207 7.97 -12.96 -22.97
CA PRO A 207 8.06 -14.42 -23.21
C PRO A 207 9.09 -15.14 -22.34
N TRP A 208 8.71 -16.32 -21.86
CA TRP A 208 9.59 -17.20 -21.11
C TRP A 208 10.99 -17.29 -21.68
N SER A 209 11.11 -17.32 -23.01
CA SER A 209 12.39 -17.62 -23.64
C SER A 209 13.48 -16.62 -23.24
N SER A 210 13.11 -15.38 -22.93
CA SER A 210 14.07 -14.36 -22.52
C SER A 210 13.73 -13.79 -21.15
N LEU A 211 13.11 -14.61 -20.29
CA LEU A 211 12.51 -14.22 -19.02
C LEU A 211 13.26 -13.14 -18.27
N LEU A 212 14.47 -13.46 -17.81
CA LEU A 212 15.16 -12.56 -16.93
C LEU A 212 15.70 -11.35 -17.67
N ARG A 213 15.93 -11.45 -18.97
CA ARG A 213 16.31 -10.27 -19.72
C ARG A 213 15.12 -9.32 -19.86
N ASN A 214 13.90 -9.86 -19.99
CA ASN A 214 12.71 -9.02 -20.01
C ASN A 214 12.55 -8.31 -18.68
N TRP A 215 12.76 -9.04 -17.59
CA TRP A 215 12.64 -8.44 -16.27
C TRP A 215 13.68 -7.34 -16.07
N ASN A 216 14.93 -7.58 -16.49
CA ASN A 216 15.95 -6.52 -16.35
C ASN A 216 15.60 -5.29 -17.17
N SER A 217 15.16 -5.50 -18.40
CA SER A 217 14.86 -4.39 -19.29
C SER A 217 13.59 -3.63 -18.91
N LEU A 218 12.68 -4.23 -18.17
CA LEU A 218 11.38 -3.60 -17.91
C LEU A 218 11.24 -3.09 -16.50
N ALA A 219 11.82 -3.79 -15.56
CA ALA A 219 11.63 -3.50 -14.15
C ALA A 219 12.90 -3.22 -13.36
N VAL A 220 14.09 -3.44 -13.91
CA VAL A 220 15.30 -3.09 -13.16
C VAL A 220 15.83 -1.73 -13.61
N THR A 221 15.95 -1.52 -14.92
CA THR A 221 16.66 -0.38 -15.49
C THR A 221 15.80 0.54 -16.34
N HIS A 222 14.50 0.29 -16.49
CA HIS A 222 13.64 1.11 -17.34
C HIS A 222 13.10 2.31 -16.56
N PRO A 223 13.34 3.55 -17.01
CA PRO A 223 12.79 4.70 -16.28
C PRO A 223 11.27 4.77 -16.29
N GLY A 224 10.61 4.06 -17.19
CA GLY A 224 9.14 4.06 -17.21
C GLY A 224 8.49 3.25 -16.11
N TYR A 225 9.23 2.38 -15.43
CA TYR A 225 8.63 1.42 -14.52
C TYR A 225 8.26 2.07 -13.19
N MET A 226 7.00 1.95 -12.79
CA MET A 226 6.50 2.60 -11.58
C MET A 226 6.19 1.62 -10.46
N ALA A 227 6.47 0.34 -10.63
CA ALA A 227 6.01 -0.70 -9.71
C ALA A 227 4.52 -0.46 -9.37
N PHE A 228 4.12 -0.57 -8.11
CA PHE A 228 2.68 -0.57 -7.82
C PHE A 228 2.15 0.85 -7.66
N LEU A 229 1.25 1.27 -8.57
CA LEU A 229 0.53 2.53 -8.41
C LEU A 229 -0.96 2.33 -8.74
N THR A 230 -1.77 3.25 -8.23
CA THR A 230 -3.17 3.34 -8.64
C THR A 230 -3.29 4.14 -9.94
N TYR A 231 -4.46 3.98 -10.57
CA TYR A 231 -4.87 4.85 -11.67
C TYR A 231 -4.66 6.32 -11.32
N ASP A 232 -5.11 6.74 -10.14
CA ASP A 232 -5.03 8.16 -9.77
C ASP A 232 -3.58 8.60 -9.62
N GLU A 233 -2.73 7.77 -9.01
CA GLU A 233 -1.33 8.18 -8.89
C GLU A 233 -0.67 8.28 -10.26
N VAL A 234 -1.06 7.41 -11.20
CA VAL A 234 -0.48 7.45 -12.54
C VAL A 234 -0.85 8.75 -13.23
N LYS A 235 -2.14 9.10 -13.16
CA LYS A 235 -2.65 10.33 -13.78
C LYS A 235 -1.98 11.55 -13.20
N ALA A 236 -1.88 11.62 -11.87
CA ALA A 236 -1.24 12.77 -11.25
C ALA A 236 0.22 12.87 -11.65
N ARG A 237 0.89 11.74 -11.82
CA ARG A 237 2.30 11.79 -12.21
C ARG A 237 2.43 12.30 -13.64
N LEU A 238 1.55 11.85 -14.54
CA LEU A 238 1.62 12.30 -15.94
C LEU A 238 1.00 13.69 -16.18
N GLN A 239 0.14 14.18 -15.28
CA GLN A 239 -0.35 15.57 -15.36
C GLN A 239 0.82 16.53 -15.54
N LYS A 240 1.87 16.37 -14.74
CA LYS A 240 3.04 17.23 -14.82
C LYS A 240 3.70 17.22 -16.19
N PHE A 241 3.30 16.31 -17.11
CA PHE A 241 3.82 16.24 -18.47
C PHE A 241 2.70 16.37 -19.51
N ILE A 242 1.56 16.92 -19.12
CA ILE A 242 0.46 17.13 -20.05
C ILE A 242 0.88 17.99 -21.22
N HIS A 243 1.83 18.91 -21.03
CA HIS A 243 2.34 19.68 -22.16
C HIS A 243 3.21 18.88 -23.11
N LYS A 244 3.50 17.60 -22.84
CA LYS A 244 4.53 16.84 -23.56
C LYS A 244 3.95 15.52 -24.04
N PRO A 245 3.20 15.55 -25.15
CA PRO A 245 2.62 14.31 -25.68
C PRO A 245 3.70 13.27 -25.95
N GLY A 246 3.34 12.00 -25.72
CA GLY A 246 4.27 10.91 -25.79
C GLY A 246 4.87 10.52 -24.45
N SER A 247 4.67 11.33 -23.41
CA SER A 247 5.13 10.95 -22.08
C SER A 247 4.30 9.79 -21.57
N TYR A 248 4.99 8.81 -21.00
CA TYR A 248 4.30 7.59 -20.58
C TYR A 248 5.03 6.94 -19.42
N ILE A 249 4.28 6.11 -18.69
CA ILE A 249 4.82 5.27 -17.62
C ILE A 249 4.00 3.98 -17.56
N PHE A 250 4.52 2.97 -16.87
CA PHE A 250 3.75 1.74 -16.72
C PHE A 250 3.87 1.22 -15.30
N ARG A 251 2.84 0.53 -14.87
CA ARG A 251 2.64 0.21 -13.46
C ARG A 251 2.03 -1.18 -13.34
N LEU A 252 2.25 -1.74 -12.16
CA LEU A 252 1.54 -2.89 -11.63
C LEU A 252 0.34 -2.40 -10.83
N SER A 253 -0.61 -3.29 -10.64
CA SER A 253 -1.85 -2.97 -9.95
C SER A 253 -2.08 -4.05 -8.91
N CYS A 254 -2.19 -3.64 -7.65
CA CYS A 254 -2.38 -4.63 -6.60
C CYS A 254 -3.72 -5.32 -6.73
N THR A 255 -4.71 -4.70 -7.39
CA THR A 255 -6.01 -5.33 -7.60
C THR A 255 -6.08 -6.18 -8.87
N ARG A 256 -5.11 -6.08 -9.77
CA ARG A 256 -5.03 -6.93 -10.97
C ARG A 256 -3.61 -7.48 -11.08
N LEU A 257 -3.26 -8.40 -10.17
CA LEU A 257 -1.91 -8.95 -10.18
C LEU A 257 -1.67 -9.68 -11.49
N GLY A 258 -0.46 -9.52 -12.01
CA GLY A 258 -0.06 -10.22 -13.20
C GLY A 258 -0.31 -9.49 -14.49
N GLN A 259 -0.86 -8.29 -14.46
CA GLN A 259 -0.96 -7.50 -15.67
C GLN A 259 -0.45 -6.08 -15.47
N TRP A 260 -0.06 -5.52 -16.59
CA TRP A 260 0.50 -4.18 -16.72
C TRP A 260 -0.58 -3.20 -17.10
N ALA A 261 -0.37 -1.95 -16.72
CA ALA A 261 -1.18 -0.83 -17.20
C ALA A 261 -0.23 0.28 -17.63
N ILE A 262 -0.44 0.81 -18.84
CA ILE A 262 0.37 1.88 -19.40
C ILE A 262 -0.45 3.17 -19.42
N GLY A 263 0.10 4.24 -18.84
CA GLY A 263 -0.51 5.57 -18.91
C GLY A 263 0.34 6.44 -19.82
N TYR A 264 -0.32 7.26 -20.64
CA TYR A 264 0.39 8.11 -21.60
C TYR A 264 -0.38 9.40 -21.85
N VAL A 265 0.35 10.39 -22.37
CA VAL A 265 -0.19 11.72 -22.66
C VAL A 265 -0.44 11.82 -24.17
N THR A 266 -1.64 12.23 -24.54
CA THR A 266 -2.01 12.32 -25.95
C THR A 266 -1.61 13.65 -26.54
N ALA A 267 -1.50 13.67 -27.88
CA ALA A 267 -1.34 14.92 -28.62
C ALA A 267 -2.39 15.96 -28.22
N ASP A 268 -3.58 15.53 -27.81
CA ASP A 268 -4.64 16.42 -27.40
C ASP A 268 -4.52 16.85 -25.96
N GLY A 269 -3.48 16.39 -25.25
CA GLY A 269 -3.26 16.80 -23.88
C GLY A 269 -4.23 16.17 -22.92
N ASN A 270 -4.58 14.91 -23.14
CA ASN A 270 -5.24 14.10 -22.14
C ASN A 270 -4.34 12.91 -21.79
N ILE A 271 -4.72 12.26 -20.72
CA ILE A 271 -4.04 11.07 -20.23
C ILE A 271 -4.99 9.89 -20.36
N LEU A 272 -4.57 8.89 -21.12
CA LEU A 272 -5.26 7.62 -21.26
C LEU A 272 -4.43 6.50 -20.65
N GLN A 273 -5.13 5.46 -20.23
CA GLN A 273 -4.51 4.26 -19.70
C GLN A 273 -5.00 3.05 -20.48
N THR A 274 -4.04 2.23 -20.90
CA THR A 274 -4.26 1.04 -21.69
C THR A 274 -3.64 -0.16 -20.98
N ILE A 275 -4.33 -1.29 -21.00
CA ILE A 275 -3.84 -2.55 -20.46
C ILE A 275 -3.37 -3.41 -21.62
N PRO A 276 -2.08 -3.77 -21.71
CA PRO A 276 -1.62 -4.63 -22.79
C PRO A 276 -2.48 -5.88 -22.88
N HIS A 277 -2.79 -6.23 -24.13
CA HIS A 277 -3.99 -6.94 -24.52
C HIS A 277 -3.66 -8.42 -24.67
N ASN A 278 -3.18 -8.80 -25.85
CA ASN A 278 -2.64 -10.12 -26.08
C ASN A 278 -1.24 -9.99 -26.63
N LYS A 279 -0.44 -9.09 -26.05
CA LYS A 279 0.99 -9.03 -26.32
C LYS A 279 1.73 -8.77 -25.02
N PRO A 280 2.99 -9.22 -24.93
CA PRO A 280 3.84 -8.82 -23.82
C PRO A 280 4.05 -7.31 -23.76
N LEU A 281 4.18 -6.80 -22.53
CA LEU A 281 4.57 -5.41 -22.33
C LEU A 281 5.69 -5.00 -23.27
N PHE A 282 6.71 -5.87 -23.35
CA PHE A 282 7.86 -5.66 -24.22
C PHE A 282 7.42 -5.16 -25.59
N GLN A 283 6.46 -5.89 -26.17
CA GLN A 283 6.03 -5.59 -27.53
C GLN A 283 5.10 -4.39 -27.57
N ALA A 284 4.23 -4.25 -26.56
CA ALA A 284 3.34 -3.10 -26.59
C ALA A 284 4.16 -1.80 -26.55
N LEU A 285 5.30 -1.81 -25.86
CA LEU A 285 6.13 -0.61 -25.80
C LEU A 285 6.84 -0.36 -27.11
N ILE A 286 7.25 -1.42 -27.80
CA ILE A 286 7.90 -1.25 -29.09
C ILE A 286 6.90 -0.74 -30.10
N ASP A 287 5.73 -1.36 -30.16
CA ASP A 287 4.67 -0.85 -31.01
C ASP A 287 4.30 0.57 -30.62
N GLY A 288 4.27 0.86 -29.31
CA GLY A 288 3.81 2.16 -28.86
C GLY A 288 4.78 3.27 -29.22
N PHE A 289 6.08 2.99 -29.17
CA PHE A 289 7.04 3.95 -29.66
C PHE A 289 6.94 4.11 -31.18
N ARG A 290 6.83 3.00 -31.91
CA ARG A 290 6.75 3.08 -33.36
C ARG A 290 5.59 3.97 -33.79
N GLU A 291 4.45 3.83 -33.15
CA GLU A 291 3.25 4.56 -33.50
C GLU A 291 3.21 5.96 -32.92
N GLY A 292 4.23 6.38 -32.19
CA GLY A 292 4.30 7.74 -31.68
C GLY A 292 3.60 8.00 -30.37
N PHE A 293 3.14 6.96 -29.67
CA PHE A 293 2.40 7.17 -28.43
C PHE A 293 3.28 7.13 -27.19
N TYR A 294 4.20 6.18 -27.11
CA TYR A 294 5.06 5.99 -25.93
C TYR A 294 6.48 6.40 -26.31
N LEU A 295 6.80 7.69 -26.12
CA LEU A 295 8.10 8.25 -26.50
C LEU A 295 8.97 8.65 -25.33
N PHE A 296 8.39 9.14 -24.24
CA PHE A 296 9.17 9.80 -23.21
C PHE A 296 8.88 9.14 -21.87
N PRO A 297 9.68 8.15 -21.46
CA PRO A 297 9.38 7.42 -20.22
C PRO A 297 9.56 8.30 -19.01
N ASP A 298 8.51 8.39 -18.19
CA ASP A 298 8.46 9.30 -17.06
C ASP A 298 8.84 10.71 -17.51
N GLY A 299 8.54 11.05 -18.76
CA GLY A 299 8.82 12.36 -19.30
C GLY A 299 10.22 12.55 -19.83
N ARG A 300 11.12 11.61 -19.57
CA ARG A 300 12.50 11.73 -20.02
C ARG A 300 12.60 11.64 -21.54
N ASN A 301 13.63 12.29 -22.08
CA ASN A 301 13.78 12.37 -23.52
C ASN A 301 14.38 11.12 -24.13
N GLN A 302 15.14 10.33 -23.37
CA GLN A 302 15.76 9.10 -23.87
C GLN A 302 14.89 7.90 -23.51
N ASN A 303 14.45 7.16 -24.53
CA ASN A 303 13.61 5.98 -24.38
C ASN A 303 14.45 4.74 -24.64
N PRO A 304 14.49 3.74 -23.73
CA PRO A 304 15.30 2.55 -24.00
C PRO A 304 14.87 1.80 -25.25
N ASP A 305 15.86 1.31 -26.00
CA ASP A 305 15.62 0.46 -27.16
C ASP A 305 15.47 -0.97 -26.70
N LEU A 306 14.40 -1.63 -27.14
CA LEU A 306 14.07 -2.99 -26.69
C LEU A 306 14.15 -4.05 -27.81
N PRO B 5 -25.78 15.55 14.36
CA PRO B 5 -26.93 15.39 13.46
C PRO B 5 -27.90 16.56 13.56
N GLY B 6 -27.54 17.71 12.98
CA GLY B 6 -28.23 18.98 13.20
C GLY B 6 -29.70 19.06 12.83
N THR B 7 -30.31 20.22 13.07
CA THR B 7 -31.75 20.37 12.88
C THR B 7 -32.08 20.51 11.38
N VAL B 8 -33.12 19.80 10.95
CA VAL B 8 -33.56 19.82 9.56
C VAL B 8 -34.66 20.86 9.41
N ASP B 9 -34.38 21.92 8.64
CA ASP B 9 -35.38 22.92 8.30
C ASP B 9 -35.78 22.76 6.83
N LYS B 10 -36.59 23.70 6.34
CA LYS B 10 -36.93 23.73 4.93
C LYS B 10 -35.68 23.92 4.07
N LYS B 11 -34.81 24.87 4.47
CA LYS B 11 -33.62 25.16 3.68
C LYS B 11 -32.80 23.89 3.45
N MET B 12 -32.73 23.02 4.45
CA MET B 12 -31.84 21.88 4.30
C MET B 12 -32.41 20.89 3.31
N VAL B 13 -33.71 20.62 3.40
CA VAL B 13 -34.33 19.71 2.43
C VAL B 13 -34.16 20.26 1.03
N GLU B 14 -34.29 21.58 0.88
CA GLU B 14 -34.11 22.19 -0.44
C GLU B 14 -32.67 22.07 -0.92
N LYS B 15 -31.69 22.28 -0.02
CA LYS B 15 -30.32 22.04 -0.43
C LYS B 15 -30.13 20.60 -0.88
N CYS B 16 -30.73 19.65 -0.15
CA CYS B 16 -30.59 18.25 -0.52
C CYS B 16 -31.17 17.98 -1.90
N TRP B 17 -32.34 18.56 -2.19
CA TRP B 17 -32.96 18.41 -3.51
C TRP B 17 -32.04 18.91 -4.61
N LYS B 18 -31.45 20.10 -4.40
CA LYS B 18 -30.48 20.61 -5.37
C LYS B 18 -29.35 19.62 -5.61
N LEU B 19 -28.81 19.02 -4.54
CA LEU B 19 -27.76 18.00 -4.71
C LEU B 19 -28.27 16.79 -5.48
N MET B 20 -29.44 16.28 -5.09
CA MET B 20 -30.02 15.15 -5.82
C MET B 20 -30.22 15.50 -7.28
N ASP B 21 -30.64 16.74 -7.58
CA ASP B 21 -30.88 17.11 -8.97
C ASP B 21 -29.61 17.01 -9.79
N LYS B 22 -28.47 17.44 -9.22
CA LYS B 22 -27.19 17.30 -9.88
C LYS B 22 -26.87 15.85 -10.17
N VAL B 23 -27.10 14.96 -9.20
CA VAL B 23 -26.88 13.54 -9.49
C VAL B 23 -27.74 13.11 -10.67
N VAL B 24 -29.03 13.45 -10.65
CA VAL B 24 -29.93 13.12 -11.76
C VAL B 24 -29.30 13.52 -13.08
N ARG B 25 -28.86 14.78 -13.17
CA ARG B 25 -28.25 15.27 -14.41
C ARG B 25 -27.00 14.48 -14.75
N LEU B 26 -26.18 14.15 -13.74
CA LEU B 26 -24.98 13.37 -14.03
C LEU B 26 -25.35 11.99 -14.55
N CYS B 27 -26.33 11.36 -13.91
CA CYS B 27 -26.70 10.01 -14.32
C CYS B 27 -27.47 10.00 -15.64
N GLN B 28 -28.02 11.14 -16.06
CA GLN B 28 -28.75 11.21 -17.33
C GLN B 28 -27.83 11.29 -18.53
N ASN B 29 -26.52 11.46 -18.33
CA ASN B 29 -25.56 11.53 -19.40
C ASN B 29 -25.72 10.31 -20.32
N PRO B 30 -25.97 10.51 -21.62
CA PRO B 30 -26.16 9.35 -22.50
C PRO B 30 -24.94 8.46 -22.57
N LYS B 31 -23.75 9.02 -22.33
CA LYS B 31 -22.53 8.22 -22.37
C LYS B 31 -22.50 7.13 -21.30
N LEU B 32 -23.24 7.33 -20.20
CA LEU B 32 -23.25 6.36 -19.11
C LEU B 32 -23.87 5.03 -19.50
N ALA B 33 -24.72 4.99 -20.52
CA ALA B 33 -25.35 3.75 -20.94
C ALA B 33 -26.05 3.06 -19.77
N LEU B 34 -26.68 3.85 -18.92
CA LEU B 34 -27.16 3.36 -17.64
C LEU B 34 -28.30 2.38 -17.84
N LYS B 35 -28.10 1.14 -17.43
CA LYS B 35 -29.13 0.13 -17.58
C LYS B 35 -30.30 0.41 -16.64
N ASN B 36 -31.46 -0.11 -17.01
CA ASN B 36 -32.70 0.16 -16.26
C ASN B 36 -32.94 -0.83 -15.13
N SER B 37 -32.04 -1.79 -14.91
CA SER B 37 -32.29 -2.80 -13.90
C SER B 37 -32.16 -2.19 -12.51
N PRO B 38 -33.02 -2.59 -11.56
CA PRO B 38 -32.90 -2.12 -10.17
C PRO B 38 -31.64 -2.64 -9.45
N PRO B 39 -30.98 -1.80 -8.65
CA PRO B 39 -31.35 -0.43 -8.25
C PRO B 39 -31.13 0.56 -9.36
N TYR B 40 -32.17 1.30 -9.69
CA TYR B 40 -32.13 2.27 -10.79
C TYR B 40 -32.18 3.67 -10.18
N ILE B 41 -31.05 4.37 -10.24
CA ILE B 41 -30.91 5.59 -9.49
C ILE B 41 -31.80 6.67 -10.06
N LEU B 42 -32.06 6.64 -11.37
CA LEU B 42 -32.93 7.65 -11.95
C LEU B 42 -34.40 7.49 -11.53
N ASP B 43 -34.81 6.30 -11.06
CA ASP B 43 -36.09 6.20 -10.35
C ASP B 43 -35.93 6.51 -8.87
N LEU B 44 -34.85 6.06 -8.26
CA LEU B 44 -34.71 6.17 -6.82
C LEU B 44 -34.68 7.61 -6.38
N LEU B 45 -33.97 8.47 -7.09
CA LEU B 45 -33.86 9.86 -6.65
C LEU B 45 -35.20 10.58 -6.76
N PRO B 46 -35.92 10.53 -7.91
CA PRO B 46 -37.27 11.12 -7.94
C PRO B 46 -38.18 10.54 -6.88
N ASP B 47 -38.20 9.20 -6.73
CA ASP B 47 -39.04 8.60 -5.72
C ASP B 47 -38.68 9.12 -4.33
N THR B 48 -37.38 9.34 -4.07
CA THR B 48 -36.98 9.86 -2.77
C THR B 48 -37.37 11.32 -2.65
N TYR B 49 -37.20 12.07 -3.73
CA TYR B 49 -37.66 13.45 -3.73
C TYR B 49 -39.16 13.51 -3.44
N GLN B 50 -39.93 12.68 -4.14
CA GLN B 50 -41.38 12.68 -3.98
C GLN B 50 -41.77 12.36 -2.56
N HIS B 51 -41.11 11.38 -1.94
CA HIS B 51 -41.57 10.99 -0.62
C HIS B 51 -41.22 12.04 0.42
N LEU B 52 -40.13 12.78 0.22
CA LEU B 52 -39.79 13.89 1.10
C LEU B 52 -40.82 15.01 0.98
N ARG B 53 -41.30 15.30 -0.23
CA ARG B 53 -42.45 16.19 -0.39
C ARG B 53 -43.62 15.74 0.45
N THR B 54 -44.05 14.50 0.26
CA THR B 54 -45.11 13.96 1.08
C THR B 54 -44.85 14.19 2.56
N ILE B 55 -43.61 13.96 3.02
CA ILE B 55 -43.29 14.14 4.43
C ILE B 55 -43.42 15.61 4.83
N LEU B 56 -42.77 16.50 4.07
CA LEU B 56 -42.87 17.92 4.35
C LEU B 56 -44.31 18.40 4.38
N SER B 57 -45.10 17.97 3.40
CA SER B 57 -46.49 18.37 3.36
C SER B 57 -47.18 18.04 4.67
N ARG B 58 -47.00 16.81 5.15
CA ARG B 58 -47.70 16.36 6.34
C ARG B 58 -47.17 16.96 7.63
N TYR B 59 -46.05 17.69 7.58
CA TYR B 59 -45.54 18.38 8.76
C TYR B 59 -45.64 19.90 8.60
N GLU B 60 -46.43 20.37 7.65
CA GLU B 60 -46.66 21.80 7.50
C GLU B 60 -47.44 22.30 8.70
N GLY B 61 -46.95 23.35 9.32
CA GLY B 61 -47.40 23.80 10.63
C GLY B 61 -46.57 23.20 11.75
N LYS B 62 -46.32 21.89 11.67
CA LYS B 62 -45.61 21.13 12.69
C LYS B 62 -44.12 20.96 12.38
N MET B 63 -43.50 21.90 11.67
CA MET B 63 -42.12 21.67 11.24
C MET B 63 -41.13 21.58 12.41
N GLU B 64 -41.48 22.10 13.60
CA GLU B 64 -40.56 21.99 14.72
C GLU B 64 -40.47 20.56 15.22
N THR B 65 -41.59 19.83 15.22
CA THR B 65 -41.55 18.41 15.53
C THR B 65 -40.69 17.66 14.53
N LEU B 66 -40.81 17.99 13.24
CA LEU B 66 -40.10 17.23 12.22
C LEU B 66 -38.61 17.45 12.34
N GLY B 67 -38.19 18.71 12.48
CA GLY B 67 -36.78 19.02 12.59
C GLY B 67 -36.10 18.38 13.76
N GLU B 68 -36.86 17.99 14.78
CA GLU B 68 -36.33 17.41 16.02
C GLU B 68 -36.27 15.89 16.00
N ASN B 69 -37.08 15.23 15.19
CA ASN B 69 -37.06 13.77 15.07
C ASN B 69 -35.64 13.28 14.81
N GLU B 70 -35.19 12.34 15.64
CA GLU B 70 -33.80 11.90 15.57
C GLU B 70 -33.53 11.11 14.30
N TYR B 71 -34.39 10.13 13.99
CA TYR B 71 -34.22 9.37 12.76
C TYR B 71 -34.09 10.27 11.54
N PHE B 72 -34.92 11.30 11.46
CA PHE B 72 -35.00 12.12 10.26
C PHE B 72 -33.81 13.06 10.15
N ARG B 73 -33.27 13.53 11.28
CA ARG B 73 -32.01 14.28 11.23
C ARG B 73 -30.88 13.38 10.73
N VAL B 74 -30.83 12.15 11.20
CA VAL B 74 -29.81 11.21 10.73
C VAL B 74 -30.04 10.86 9.27
N PHE B 75 -31.30 10.65 8.87
CA PHE B 75 -31.56 10.29 7.49
C PHE B 75 -31.14 11.42 6.56
N MET B 76 -31.62 12.62 6.82
CA MET B 76 -31.23 13.75 5.97
C MET B 76 -29.72 13.94 5.95
N GLU B 77 -29.07 13.88 7.10
CA GLU B 77 -27.61 13.98 7.12
C GLU B 77 -26.97 12.94 6.22
N ASN B 78 -27.41 11.68 6.32
CA ASN B 78 -26.84 10.63 5.48
C ASN B 78 -27.19 10.81 4.01
N LEU B 79 -28.38 11.32 3.70
CA LEU B 79 -28.79 11.47 2.31
C LEU B 79 -27.92 12.50 1.63
N MET B 80 -27.72 13.64 2.29
CA MET B 80 -26.84 14.66 1.72
C MET B 80 -25.42 14.11 1.59
N LYS B 81 -24.98 13.32 2.58
CA LYS B 81 -23.63 12.74 2.50
C LYS B 81 -23.49 11.81 1.28
N LYS B 82 -24.43 10.88 1.10
CA LYS B 82 -24.34 9.96 -0.02
C LYS B 82 -24.44 10.68 -1.38
N THR B 83 -25.25 11.74 -1.46
CA THR B 83 -25.36 12.43 -2.76
C THR B 83 -24.06 13.16 -3.08
N LYS B 84 -23.53 13.91 -2.11
CA LYS B 84 -22.20 14.50 -2.29
C LYS B 84 -21.16 13.45 -2.67
N GLN B 85 -21.19 12.28 -2.01
CA GLN B 85 -20.30 11.19 -2.41
C GLN B 85 -20.48 10.86 -3.88
N THR B 86 -21.72 10.90 -4.37
CA THR B 86 -21.98 10.44 -5.73
C THR B 86 -21.50 11.46 -6.73
N ILE B 87 -21.73 12.74 -6.43
CA ILE B 87 -21.22 13.83 -7.25
C ILE B 87 -19.70 13.74 -7.35
N SER B 88 -19.02 13.72 -6.18
CA SER B 88 -17.57 13.57 -6.15
C SER B 88 -17.12 12.38 -6.99
N LEU B 89 -17.85 11.27 -6.90
CA LEU B 89 -17.50 10.11 -7.68
C LEU B 89 -17.48 10.42 -9.18
N PHE B 90 -18.34 11.35 -9.62
CA PHE B 90 -18.32 11.71 -11.04
C PHE B 90 -17.18 12.66 -11.35
N LYS B 91 -16.99 13.67 -10.51
CA LYS B 91 -15.86 14.61 -10.64
C LYS B 91 -14.54 13.85 -10.74
N GLU B 92 -14.22 13.05 -9.74
CA GLU B 92 -12.95 12.32 -9.73
C GLU B 92 -12.89 11.24 -10.82
N GLY B 93 -14.02 10.63 -11.19
CA GLY B 93 -13.97 9.49 -12.08
C GLY B 93 -13.88 9.86 -13.56
N LYS B 94 -14.41 11.01 -13.95
CA LYS B 94 -14.28 11.56 -15.31
C LYS B 94 -14.57 10.45 -16.32
N GLU B 95 -13.67 10.19 -17.28
CA GLU B 95 -13.92 9.27 -18.39
C GLU B 95 -14.21 7.86 -17.92
N ARG B 96 -13.71 7.46 -16.75
CA ARG B 96 -13.91 6.09 -16.29
C ARG B 96 -15.38 5.81 -16.00
N MET B 97 -16.16 6.84 -15.66
CA MET B 97 -17.60 6.65 -15.49
C MET B 97 -18.22 6.01 -16.71
N TYR B 98 -17.67 6.28 -17.90
CA TYR B 98 -18.25 5.80 -19.13
C TYR B 98 -17.69 4.43 -19.52
N GLU B 99 -17.12 3.69 -18.56
CA GLU B 99 -16.58 2.36 -18.81
C GLU B 99 -17.31 1.37 -17.92
N GLU B 100 -17.94 0.38 -18.56
CA GLU B 100 -18.96 -0.44 -17.91
C GLU B 100 -18.46 -1.04 -16.60
N ASN B 101 -17.27 -1.64 -16.63
CA ASN B 101 -16.77 -2.39 -15.48
C ASN B 101 -15.65 -1.66 -14.77
N SER B 102 -15.55 -0.35 -14.94
CA SER B 102 -14.56 0.42 -14.21
C SER B 102 -14.92 0.47 -12.73
N GLN B 103 -13.91 0.75 -11.91
CA GLN B 103 -14.12 0.80 -10.48
C GLN B 103 -15.05 1.94 -10.06
N PRO B 104 -14.96 3.13 -10.64
CA PRO B 104 -15.95 4.16 -10.29
C PRO B 104 -17.38 3.81 -10.68
N ARG B 105 -17.58 3.01 -11.72
CA ARG B 105 -18.94 2.63 -12.06
C ARG B 105 -19.46 1.50 -11.19
N ARG B 106 -18.59 0.57 -10.79
CA ARG B 106 -19.02 -0.42 -9.82
C ARG B 106 -19.28 0.24 -8.49
N ASN B 107 -18.58 1.34 -8.21
CA ASN B 107 -18.92 2.13 -7.04
C ASN B 107 -20.25 2.84 -7.20
N LEU B 108 -20.67 3.12 -8.44
CA LEU B 108 -21.94 3.79 -8.62
C LEU B 108 -23.09 2.82 -8.38
N THR B 109 -22.97 1.60 -8.92
CA THR B 109 -23.86 0.50 -8.55
C THR B 109 -24.00 0.39 -7.04
N LYS B 110 -22.88 0.49 -6.31
CA LYS B 110 -22.93 0.30 -4.86
C LYS B 110 -23.68 1.43 -4.19
N LEU B 111 -23.43 2.67 -4.60
CA LEU B 111 -24.23 3.77 -4.10
C LEU B 111 -25.70 3.62 -4.50
N SER B 112 -25.97 3.10 -5.70
CA SER B 112 -27.34 2.97 -6.17
C SER B 112 -28.12 2.03 -5.27
N LEU B 113 -27.48 0.94 -4.86
CA LEU B 113 -28.05 0.05 -3.88
C LEU B 113 -28.32 0.78 -2.55
N ILE B 114 -27.40 1.63 -2.11
CA ILE B 114 -27.63 2.33 -0.86
C ILE B 114 -28.82 3.28 -1.00
N PHE B 115 -28.91 4.03 -2.12
CA PHE B 115 -30.06 4.89 -2.34
C PHE B 115 -31.38 4.11 -2.27
N SER B 116 -31.39 2.88 -2.79
CA SER B 116 -32.55 2.03 -2.72
C SER B 116 -32.89 1.67 -1.28
N HIS B 117 -31.87 1.27 -0.51
CA HIS B 117 -32.12 0.90 0.89
C HIS B 117 -32.63 2.09 1.66
N MET B 118 -32.05 3.28 1.40
CA MET B 118 -32.47 4.50 2.06
C MET B 118 -33.94 4.81 1.77
N LEU B 119 -34.38 4.66 0.51
CA LEU B 119 -35.77 4.98 0.20
C LEU B 119 -36.71 4.00 0.87
N ALA B 120 -36.38 2.73 0.83
CA ALA B 120 -37.20 1.71 1.49
C ALA B 120 -37.30 1.99 2.98
N GLU B 121 -36.17 2.30 3.62
CA GLU B 121 -36.18 2.61 5.05
C GLU B 121 -37.04 3.84 5.33
N LEU B 122 -36.93 4.87 4.48
CA LEU B 122 -37.72 6.08 4.67
C LEU B 122 -39.21 5.82 4.51
N LYS B 123 -39.58 4.94 3.57
CA LYS B 123 -41.00 4.65 3.38
C LYS B 123 -41.51 3.79 4.51
N GLY B 124 -40.64 2.96 5.10
CA GLY B 124 -41.07 2.14 6.22
C GLY B 124 -41.23 2.90 7.52
N ILE B 125 -40.41 3.94 7.74
CA ILE B 125 -40.45 4.73 8.98
C ILE B 125 -41.46 5.88 8.85
N PHE B 126 -41.72 6.37 7.64
CA PHE B 126 -42.62 7.48 7.38
C PHE B 126 -43.68 7.06 6.39
N PRO B 127 -44.44 6.01 6.66
CA PRO B 127 -45.43 5.58 5.68
C PRO B 127 -46.48 6.67 5.48
N SER B 128 -46.81 6.93 4.23
CA SER B 128 -47.73 8.00 3.84
C SER B 128 -47.24 9.36 4.31
N GLY B 129 -45.94 9.50 4.56
CA GLY B 129 -45.38 10.76 5.00
C GLY B 129 -45.46 11.06 6.48
N LEU B 130 -46.04 10.17 7.30
CA LEU B 130 -46.17 10.42 8.73
C LEU B 130 -45.22 9.51 9.52
N PHE B 131 -44.45 10.12 10.44
CA PHE B 131 -43.52 9.37 11.27
C PHE B 131 -44.26 8.31 12.09
N GLN B 132 -43.88 7.05 11.90
CA GLN B 132 -44.44 5.94 12.65
C GLN B 132 -43.35 5.09 13.30
N GLY B 133 -42.14 5.65 13.44
CA GLY B 133 -40.99 4.84 13.86
C GLY B 133 -41.19 4.16 15.20
N ASP B 134 -41.89 4.81 16.13
CA ASP B 134 -42.03 4.25 17.46
C ASP B 134 -42.99 3.07 17.52
N THR B 135 -43.83 2.88 16.50
CA THR B 135 -44.72 1.73 16.45
C THR B 135 -44.38 0.78 15.31
N PHE B 136 -43.21 0.93 14.70
CA PHE B 136 -42.80 0.04 13.63
C PHE B 136 -42.93 -1.41 14.06
N ARG B 137 -43.52 -2.23 13.21
CA ARG B 137 -43.74 -3.63 13.53
C ARG B 137 -42.54 -4.46 13.07
N ILE B 138 -41.79 -4.97 14.04
CA ILE B 138 -40.75 -5.96 13.83
C ILE B 138 -41.39 -7.33 13.62
N THR B 139 -40.90 -8.04 12.59
CA THR B 139 -41.58 -9.21 12.06
C THR B 139 -41.41 -10.46 12.92
N LYS B 140 -40.20 -10.73 13.43
CA LYS B 140 -39.94 -11.92 14.22
C LYS B 140 -40.13 -11.61 15.71
N ALA B 141 -40.90 -12.46 16.40
CA ALA B 141 -41.29 -12.16 17.77
C ALA B 141 -40.06 -12.03 18.70
N ASP B 142 -39.12 -12.97 18.59
CA ASP B 142 -37.93 -12.90 19.46
C ASP B 142 -37.11 -11.65 19.19
N ALA B 143 -37.10 -11.18 17.94
CA ALA B 143 -36.33 -9.98 17.62
C ALA B 143 -37.04 -8.75 18.13
N ALA B 144 -38.37 -8.75 18.03
CA ALA B 144 -39.13 -7.62 18.57
C ALA B 144 -38.92 -7.51 20.06
N GLU B 145 -38.92 -8.63 20.77
CA GLU B 145 -38.70 -8.60 22.20
C GLU B 145 -37.31 -8.02 22.54
N PHE B 146 -36.28 -8.40 21.78
CA PHE B 146 -34.94 -7.89 22.05
C PHE B 146 -34.87 -6.40 21.81
N TRP B 147 -35.44 -5.92 20.69
CA TRP B 147 -35.39 -4.48 20.43
C TRP B 147 -36.11 -3.70 21.51
N ARG B 148 -37.29 -4.18 21.92
CA ARG B 148 -38.10 -3.51 22.94
C ARG B 148 -37.31 -3.41 24.24
N LYS B 149 -36.73 -4.52 24.65
CA LYS B 149 -36.01 -4.58 25.89
C LYS B 149 -34.74 -3.72 25.86
N ALA B 150 -33.99 -3.75 24.75
CA ALA B 150 -32.71 -3.04 24.74
C ALA B 150 -32.85 -1.57 24.38
N PHE B 151 -33.87 -1.19 23.61
CA PHE B 151 -33.97 0.16 23.09
C PHE B 151 -35.37 0.74 23.20
N GLY B 152 -36.30 0.05 23.82
CA GLY B 152 -37.63 0.62 23.94
C GLY B 152 -38.27 0.81 22.58
N GLU B 153 -38.71 2.03 22.30
CA GLU B 153 -39.38 2.31 21.04
C GLU B 153 -38.57 3.29 20.20
N LYS B 154 -37.26 3.34 20.45
CA LYS B 154 -36.32 4.02 19.57
C LYS B 154 -36.44 3.50 18.14
N THR B 155 -36.27 4.41 17.21
CA THR B 155 -36.26 4.12 15.79
C THR B 155 -34.86 3.83 15.29
N ILE B 156 -33.86 4.46 15.89
CA ILE B 156 -32.49 4.42 15.40
C ILE B 156 -31.54 4.46 16.58
N VAL B 157 -30.45 3.70 16.50
CA VAL B 157 -29.45 3.69 17.58
C VAL B 157 -28.06 3.61 16.96
N PRO B 158 -27.08 4.24 17.61
CA PRO B 158 -25.71 4.20 17.08
C PRO B 158 -25.19 2.78 17.03
N TRP B 159 -24.39 2.51 15.99
CA TRP B 159 -23.81 1.18 15.80
C TRP B 159 -23.19 0.65 17.09
N LYS B 160 -22.52 1.52 17.84
CA LYS B 160 -21.78 1.04 19.02
C LYS B 160 -22.74 0.54 20.10
N SER B 161 -23.80 1.29 20.39
CA SER B 161 -24.80 0.82 21.35
C SER B 161 -25.45 -0.48 20.88
N PHE B 162 -25.80 -0.56 19.58
CA PHE B 162 -26.46 -1.76 19.09
C PHE B 162 -25.56 -2.97 19.23
N ARG B 163 -24.31 -2.84 18.80
CA ARG B 163 -23.35 -3.93 18.90
C ARG B 163 -23.19 -4.39 20.35
N GLN B 164 -23.11 -3.44 21.26
CA GLN B 164 -22.93 -3.80 22.66
C GLN B 164 -24.14 -4.57 23.18
N ALA B 165 -25.35 -4.11 22.84
CA ALA B 165 -26.54 -4.78 23.34
C ALA B 165 -26.66 -6.16 22.73
N LEU B 166 -26.41 -6.27 21.41
CA LEU B 166 -26.57 -7.55 20.74
C LEU B 166 -25.58 -8.57 21.27
N HIS B 167 -24.35 -8.10 21.58
CA HIS B 167 -23.29 -8.99 22.04
C HIS B 167 -23.67 -9.69 23.34
N GLU B 168 -24.40 -9.01 24.22
CA GLU B 168 -24.82 -9.63 25.47
C GLU B 168 -25.83 -10.77 25.28
N VAL B 169 -26.46 -10.88 24.11
CA VAL B 169 -27.36 -11.99 23.82
C VAL B 169 -26.77 -12.94 22.79
N HIS B 170 -26.04 -12.41 21.83
CA HIS B 170 -25.49 -13.17 20.70
C HIS B 170 -24.02 -12.78 20.62
N PRO B 171 -23.13 -13.51 21.29
CA PRO B 171 -21.73 -13.04 21.39
C PRO B 171 -21.12 -12.88 20.01
N ILE B 172 -20.50 -11.73 19.79
CA ILE B 172 -19.67 -11.46 18.62
C ILE B 172 -18.21 -11.81 18.96
N SER B 173 -17.63 -12.73 18.22
CA SER B 173 -16.35 -13.33 18.61
C SER B 173 -15.11 -12.49 18.31
N SER B 174 -15.19 -11.40 17.56
CA SER B 174 -13.97 -10.64 17.26
C SER B 174 -14.38 -9.31 16.65
N GLY B 175 -13.45 -8.35 16.68
CA GLY B 175 -13.67 -7.09 16.02
C GLY B 175 -13.87 -7.29 14.54
N LEU B 176 -13.21 -8.29 13.96
CA LEU B 176 -13.37 -8.56 12.54
C LEU B 176 -14.82 -8.99 12.25
N GLU B 177 -15.35 -9.90 13.07
CA GLU B 177 -16.73 -10.33 12.85
C GLU B 177 -17.70 -9.17 13.06
N ALA B 178 -17.40 -8.28 14.01
CA ALA B 178 -18.24 -7.12 14.23
C ALA B 178 -18.24 -6.21 13.02
N MET B 179 -17.07 -6.09 12.37
CA MET B 179 -16.98 -5.25 11.18
C MET B 179 -17.77 -5.85 10.04
N ALA B 180 -17.66 -7.17 9.87
CA ALA B 180 -18.39 -7.84 8.81
C ALA B 180 -19.89 -7.79 9.09
N LEU B 181 -20.27 -7.98 10.36
CA LEU B 181 -21.67 -7.88 10.74
C LEU B 181 -22.21 -6.49 10.42
N LYS B 182 -21.49 -5.44 10.84
CA LYS B 182 -21.93 -4.08 10.52
C LYS B 182 -22.18 -3.92 9.01
N SER B 183 -21.32 -4.51 8.17
CA SER B 183 -21.50 -4.34 6.73
C SER B 183 -22.82 -4.92 6.26
N THR B 184 -23.27 -5.99 6.88
CA THR B 184 -24.50 -6.63 6.43
C THR B 184 -25.76 -5.92 6.94
N ILE B 185 -25.76 -5.47 8.19
CA ILE B 185 -26.98 -4.95 8.78
C ILE B 185 -27.15 -3.46 8.51
N ASP B 186 -26.06 -2.69 8.50
CA ASP B 186 -26.13 -1.25 8.25
C ASP B 186 -26.31 -1.00 6.75
N LEU B 187 -27.55 -1.27 6.29
CA LEU B 187 -27.87 -1.15 4.87
C LEU B 187 -27.64 0.26 4.34
N THR B 188 -27.90 1.28 5.15
CA THR B 188 -27.74 2.66 4.68
C THR B 188 -26.34 3.21 4.94
N CYS B 189 -25.40 2.39 5.41
CA CYS B 189 -24.02 2.81 5.67
C CYS B 189 -23.94 4.19 6.33
N ASN B 190 -24.71 4.38 7.40
CA ASN B 190 -24.71 5.62 8.14
C ASN B 190 -24.19 5.46 9.57
N ASP B 191 -23.64 4.29 9.93
CA ASP B 191 -23.14 4.03 11.29
C ASP B 191 -24.24 4.01 12.35
N TYR B 192 -25.49 3.85 11.94
CA TYR B 192 -26.60 3.63 12.87
C TYR B 192 -27.34 2.38 12.40
N ILE B 193 -28.14 1.81 13.30
CA ILE B 193 -28.98 0.67 13.01
C ILE B 193 -30.40 1.14 13.29
N SER B 194 -31.20 1.21 12.23
CA SER B 194 -32.61 1.52 12.36
C SER B 194 -33.37 0.26 12.72
N VAL B 195 -34.52 0.43 13.36
CA VAL B 195 -35.40 -0.72 13.62
C VAL B 195 -35.80 -1.38 12.32
N PHE B 196 -35.84 -0.60 11.23
CA PHE B 196 -36.10 -1.17 9.90
C PHE B 196 -34.95 -2.09 9.46
N GLU B 197 -33.71 -1.58 9.51
CA GLU B 197 -32.55 -2.44 9.20
C GLU B 197 -32.54 -3.68 10.07
N PHE B 198 -32.86 -3.53 11.35
CA PHE B 198 -32.86 -4.66 12.27
C PHE B 198 -33.92 -5.69 11.88
N ASP B 199 -35.10 -5.22 11.52
CA ASP B 199 -36.16 -6.13 11.06
C ASP B 199 -35.68 -6.97 9.89
N ILE B 200 -35.05 -6.32 8.92
CA ILE B 200 -34.60 -7.02 7.72
C ILE B 200 -33.56 -8.07 8.06
N PHE B 201 -32.56 -7.68 8.87
CA PHE B 201 -31.52 -8.64 9.21
C PHE B 201 -32.10 -9.85 9.95
N THR B 202 -33.05 -9.61 10.87
CA THR B 202 -33.55 -10.74 11.66
C THR B 202 -34.55 -11.57 10.89
N ARG B 203 -35.27 -10.97 9.95
CA ARG B 203 -36.05 -11.79 9.01
C ARG B 203 -35.13 -12.70 8.19
N LEU B 204 -34.06 -12.14 7.61
CA LEU B 204 -33.20 -12.95 6.74
C LEU B 204 -32.54 -14.08 7.51
N PHE B 205 -32.08 -13.84 8.74
CA PHE B 205 -31.18 -14.77 9.40
C PHE B 205 -31.80 -15.44 10.62
N GLN B 206 -33.13 -15.40 10.72
CA GLN B 206 -33.90 -16.27 11.62
C GLN B 206 -33.54 -17.75 11.46
N PRO B 207 -33.74 -18.54 12.50
CA PRO B 207 -34.29 -18.21 13.81
C PRO B 207 -33.36 -17.41 14.71
N TRP B 208 -33.99 -16.47 15.42
CA TRP B 208 -33.28 -15.62 16.36
C TRP B 208 -32.34 -16.38 17.28
N SER B 209 -32.71 -17.60 17.67
CA SER B 209 -31.90 -18.35 18.62
C SER B 209 -30.51 -18.67 18.09
N SER B 210 -30.30 -18.69 16.78
CA SER B 210 -28.97 -18.97 16.25
C SER B 210 -28.58 -17.92 15.21
N LEU B 211 -29.04 -16.69 15.45
CA LEU B 211 -28.90 -15.58 14.52
C LEU B 211 -27.54 -15.53 13.81
N LEU B 212 -26.44 -15.36 14.57
CA LEU B 212 -25.13 -15.12 13.94
C LEU B 212 -24.56 -16.37 13.32
N ARG B 213 -24.83 -17.54 13.88
CA ARG B 213 -24.47 -18.77 13.22
C ARG B 213 -25.19 -18.90 11.88
N ASN B 214 -26.46 -18.48 11.81
CA ASN B 214 -27.20 -18.50 10.54
C ASN B 214 -26.60 -17.50 9.56
N TRP B 215 -26.25 -16.32 10.05
CA TRP B 215 -25.67 -15.30 9.22
C TRP B 215 -24.34 -15.76 8.63
N ASN B 216 -23.49 -16.34 9.47
CA ASN B 216 -22.22 -16.92 8.98
C ASN B 216 -22.45 -18.08 8.03
N SER B 217 -23.36 -18.99 8.35
CA SER B 217 -23.58 -20.16 7.50
C SER B 217 -24.20 -19.80 6.15
N LEU B 218 -24.89 -18.67 6.04
CA LEU B 218 -25.73 -18.39 4.89
C LEU B 218 -25.19 -17.30 4.00
N ALA B 219 -24.55 -16.28 4.59
CA ALA B 219 -24.08 -15.12 3.87
C ALA B 219 -22.58 -14.90 3.97
N VAL B 220 -21.89 -15.52 4.92
CA VAL B 220 -20.45 -15.31 5.03
C VAL B 220 -19.69 -16.37 4.24
N THR B 221 -20.04 -17.65 4.42
CA THR B 221 -19.22 -18.75 3.92
C THR B 221 -19.91 -19.59 2.86
N HIS B 222 -21.10 -19.24 2.42
CA HIS B 222 -21.90 -20.15 1.61
C HIS B 222 -21.71 -19.84 0.13
N PRO B 223 -21.21 -20.77 -0.67
CA PRO B 223 -21.02 -20.47 -2.10
C PRO B 223 -22.31 -20.24 -2.88
N GLY B 224 -23.46 -20.63 -2.34
CA GLY B 224 -24.72 -20.35 -2.98
C GLY B 224 -25.17 -18.91 -2.86
N TYR B 225 -24.63 -18.19 -1.87
CA TYR B 225 -25.10 -16.83 -1.60
C TYR B 225 -24.61 -15.85 -2.67
N MET B 226 -25.56 -15.18 -3.33
CA MET B 226 -25.28 -14.21 -4.38
C MET B 226 -25.46 -12.74 -3.97
N ALA B 227 -25.77 -12.45 -2.71
CA ALA B 227 -26.18 -11.10 -2.32
C ALA B 227 -27.35 -10.60 -3.19
N PHE B 228 -27.31 -9.33 -3.58
CA PHE B 228 -28.37 -8.72 -4.35
C PHE B 228 -28.21 -9.04 -5.82
N LEU B 229 -29.23 -9.64 -6.43
CA LEU B 229 -29.32 -9.93 -7.85
C LEU B 229 -30.79 -9.85 -8.26
N THR B 230 -31.01 -9.57 -9.54
CA THR B 230 -32.34 -9.56 -10.13
C THR B 230 -32.78 -10.97 -10.53
N TYR B 231 -34.10 -11.15 -10.67
CA TYR B 231 -34.68 -12.39 -11.22
C TYR B 231 -33.94 -12.79 -12.50
N ASP B 232 -33.61 -11.81 -13.34
CA ASP B 232 -32.95 -12.09 -14.60
C ASP B 232 -31.51 -12.55 -14.39
N GLU B 233 -30.75 -11.81 -13.58
CA GLU B 233 -29.34 -12.17 -13.38
C GLU B 233 -29.20 -13.55 -12.77
N VAL B 234 -30.21 -14.00 -12.02
CA VAL B 234 -30.22 -15.35 -11.48
C VAL B 234 -30.35 -16.37 -12.62
N LYS B 235 -31.36 -16.18 -13.47
CA LYS B 235 -31.53 -16.93 -14.71
C LYS B 235 -30.22 -17.03 -15.49
N ALA B 236 -29.58 -15.89 -15.73
CA ALA B 236 -28.43 -15.85 -16.59
C ALA B 236 -27.28 -16.65 -15.99
N ARG B 237 -27.12 -16.59 -14.65
CA ARG B 237 -26.05 -17.32 -13.99
C ARG B 237 -26.29 -18.82 -14.00
N LEU B 238 -27.53 -19.26 -13.80
CA LEU B 238 -27.84 -20.68 -13.80
C LEU B 238 -27.95 -21.26 -15.20
N GLN B 239 -28.03 -20.42 -16.24
CA GLN B 239 -28.06 -20.95 -17.60
C GLN B 239 -26.83 -21.79 -17.90
N LYS B 240 -25.67 -21.38 -17.41
CA LYS B 240 -24.48 -22.17 -17.64
C LYS B 240 -24.47 -23.46 -16.83
N PHE B 241 -25.53 -23.77 -16.06
CA PHE B 241 -25.65 -25.04 -15.36
C PHE B 241 -26.90 -25.81 -15.76
N ILE B 242 -27.53 -25.43 -16.88
CA ILE B 242 -28.69 -26.18 -17.37
C ILE B 242 -28.38 -27.67 -17.49
N HIS B 243 -27.14 -28.02 -17.84
CA HIS B 243 -26.76 -29.42 -17.99
C HIS B 243 -26.61 -30.13 -16.66
N LYS B 244 -26.68 -29.41 -15.53
CA LYS B 244 -26.36 -29.97 -14.21
C LYS B 244 -27.54 -29.73 -13.27
N PRO B 245 -28.56 -30.59 -13.34
CA PRO B 245 -29.73 -30.45 -12.46
C PRO B 245 -29.36 -30.52 -10.99
N GLY B 246 -30.02 -29.72 -10.18
CA GLY B 246 -29.67 -29.59 -8.79
C GLY B 246 -28.85 -28.35 -8.48
N SER B 247 -28.39 -27.64 -9.51
CA SER B 247 -27.62 -26.43 -9.30
C SER B 247 -28.54 -25.32 -8.82
N TYR B 248 -28.08 -24.58 -7.82
CA TYR B 248 -28.94 -23.60 -7.20
C TYR B 248 -28.09 -22.45 -6.68
N ILE B 249 -28.71 -21.28 -6.61
CA ILE B 249 -28.16 -20.12 -5.92
C ILE B 249 -29.32 -19.47 -5.18
N PHE B 250 -28.99 -18.67 -4.17
CA PHE B 250 -30.00 -17.90 -3.48
C PHE B 250 -29.53 -16.45 -3.41
N ARG B 251 -30.50 -15.53 -3.42
CA ARG B 251 -30.22 -14.12 -3.60
C ARG B 251 -31.15 -13.26 -2.75
N LEU B 252 -30.67 -12.05 -2.47
CA LEU B 252 -31.45 -10.95 -1.93
C LEU B 252 -31.98 -10.11 -3.09
N SER B 253 -33.02 -9.31 -2.79
CA SER B 253 -33.71 -8.48 -3.78
C SER B 253 -33.89 -7.06 -3.25
N CYS B 254 -33.38 -6.08 -4.00
CA CYS B 254 -33.41 -4.72 -3.48
C CYS B 254 -34.82 -4.15 -3.44
N THR B 255 -35.75 -4.71 -4.22
CA THR B 255 -37.15 -4.24 -4.22
C THR B 255 -38.02 -4.99 -3.24
N ARG B 256 -37.45 -5.97 -2.50
CA ARG B 256 -38.18 -6.80 -1.54
C ARG B 256 -37.25 -7.11 -0.36
N LEU B 257 -36.89 -6.08 0.39
CA LEU B 257 -35.92 -6.28 1.47
C LEU B 257 -36.46 -7.24 2.51
N GLY B 258 -35.56 -8.02 3.08
CA GLY B 258 -35.90 -8.95 4.11
C GLY B 258 -36.34 -10.32 3.62
N GLN B 259 -36.36 -10.55 2.30
CA GLN B 259 -36.85 -11.80 1.73
C GLN B 259 -35.77 -12.44 0.88
N TRP B 260 -35.70 -13.77 0.93
CA TRP B 260 -34.80 -14.55 0.10
C TRP B 260 -35.51 -15.04 -1.16
N ALA B 261 -34.71 -15.29 -2.21
CA ALA B 261 -35.20 -16.02 -3.37
C ALA B 261 -34.16 -17.05 -3.77
N ILE B 262 -34.65 -18.20 -4.20
CA ILE B 262 -33.84 -19.34 -4.61
C ILE B 262 -34.13 -19.59 -6.09
N GLY B 263 -33.07 -19.74 -6.88
CA GLY B 263 -33.15 -20.24 -8.24
C GLY B 263 -32.48 -21.60 -8.32
N TYR B 264 -33.07 -22.51 -9.11
CA TYR B 264 -32.47 -23.83 -9.24
C TYR B 264 -32.77 -24.40 -10.62
N VAL B 265 -31.96 -25.39 -11.00
CA VAL B 265 -32.06 -26.08 -12.28
C VAL B 265 -32.82 -27.38 -12.05
N THR B 266 -33.92 -27.57 -12.78
CA THR B 266 -34.78 -28.75 -12.64
C THR B 266 -34.15 -29.97 -13.30
N ALA B 267 -34.75 -31.14 -13.03
CA ALA B 267 -34.29 -32.36 -13.69
C ALA B 267 -34.41 -32.26 -15.22
N ASP B 268 -35.33 -31.47 -15.72
CA ASP B 268 -35.57 -31.33 -17.15
C ASP B 268 -34.92 -30.10 -17.73
N GLY B 269 -33.88 -29.59 -17.08
CA GLY B 269 -33.11 -28.51 -17.66
C GLY B 269 -33.86 -27.21 -17.74
N ASN B 270 -34.78 -26.97 -16.82
CA ASN B 270 -35.44 -25.68 -16.69
C ASN B 270 -34.93 -24.97 -15.43
N ILE B 271 -34.95 -23.65 -15.49
CA ILE B 271 -34.58 -22.80 -14.35
C ILE B 271 -35.86 -22.26 -13.73
N LEU B 272 -36.20 -22.74 -12.54
CA LEU B 272 -37.29 -22.22 -11.72
C LEU B 272 -36.76 -21.38 -10.56
N GLN B 273 -37.59 -20.42 -10.15
CA GLN B 273 -37.28 -19.50 -9.06
C GLN B 273 -38.44 -19.50 -8.08
N THR B 274 -38.10 -19.53 -6.79
CA THR B 274 -39.07 -19.70 -5.73
C THR B 274 -38.59 -18.92 -4.51
N ILE B 275 -39.39 -18.94 -3.47
CA ILE B 275 -39.06 -18.28 -2.20
C ILE B 275 -39.28 -19.29 -1.09
N PRO B 276 -38.60 -19.17 0.05
CA PRO B 276 -39.01 -19.90 1.24
C PRO B 276 -40.39 -19.41 1.66
N HIS B 277 -41.33 -20.35 1.77
CA HIS B 277 -42.74 -19.97 1.92
C HIS B 277 -43.05 -19.60 3.38
N ASN B 278 -43.38 -20.60 4.20
CA ASN B 278 -43.64 -20.37 5.62
C ASN B 278 -42.52 -21.01 6.44
N LYS B 279 -41.28 -20.76 6.02
CA LYS B 279 -40.12 -21.31 6.71
C LYS B 279 -38.95 -20.39 6.43
N PRO B 280 -37.86 -20.55 7.17
CA PRO B 280 -36.66 -19.75 6.91
C PRO B 280 -35.75 -20.44 5.89
N LEU B 281 -34.95 -19.61 5.21
CA LEU B 281 -34.02 -20.11 4.20
C LEU B 281 -33.23 -21.29 4.71
N PHE B 282 -32.77 -21.20 5.96
CA PHE B 282 -31.99 -22.25 6.59
C PHE B 282 -32.63 -23.61 6.36
N GLN B 283 -33.94 -23.68 6.57
CA GLN B 283 -34.64 -24.95 6.48
C GLN B 283 -35.05 -25.27 5.04
N ALA B 284 -35.36 -24.23 4.26
CA ALA B 284 -35.66 -24.45 2.85
C ALA B 284 -34.49 -25.12 2.15
N LEU B 285 -33.27 -24.76 2.55
CA LEU B 285 -32.08 -25.34 1.92
C LEU B 285 -31.89 -26.80 2.33
N ILE B 286 -32.12 -27.10 3.61
CA ILE B 286 -31.98 -28.48 4.07
C ILE B 286 -33.00 -29.36 3.40
N ASP B 287 -34.27 -28.94 3.42
CA ASP B 287 -35.32 -29.70 2.75
C ASP B 287 -35.04 -29.84 1.27
N GLY B 288 -34.71 -28.74 0.60
CA GLY B 288 -34.41 -28.81 -0.82
C GLY B 288 -33.29 -29.77 -1.14
N PHE B 289 -32.30 -29.89 -0.24
CA PHE B 289 -31.24 -30.86 -0.48
C PHE B 289 -31.76 -32.28 -0.34
N ARG B 290 -32.35 -32.60 0.83
CA ARG B 290 -32.92 -33.93 1.07
C ARG B 290 -33.82 -34.34 -0.09
N GLU B 291 -34.67 -33.43 -0.54
CA GLU B 291 -35.63 -33.70 -1.62
C GLU B 291 -34.99 -33.67 -3.00
N GLY B 292 -33.68 -33.49 -3.11
CA GLY B 292 -33.00 -33.63 -4.39
C GLY B 292 -33.02 -32.43 -5.30
N PHE B 293 -33.43 -31.25 -4.83
CA PHE B 293 -33.51 -30.07 -5.70
C PHE B 293 -32.31 -29.13 -5.58
N TYR B 294 -31.82 -28.89 -4.38
CA TYR B 294 -30.76 -27.91 -4.12
C TYR B 294 -29.53 -28.73 -3.76
N LEU B 295 -28.77 -29.12 -4.78
CA LEU B 295 -27.62 -29.99 -4.60
C LEU B 295 -26.29 -29.30 -4.80
N PHE B 296 -26.20 -28.37 -5.74
CA PHE B 296 -24.91 -27.89 -6.24
C PHE B 296 -24.88 -26.36 -6.19
N PRO B 297 -24.48 -25.78 -5.05
CA PRO B 297 -24.48 -24.32 -4.92
C PRO B 297 -23.57 -23.68 -5.96
N ASP B 298 -24.10 -22.72 -6.70
CA ASP B 298 -23.39 -22.10 -7.81
C ASP B 298 -22.74 -23.15 -8.70
N GLY B 299 -23.35 -24.34 -8.76
CA GLY B 299 -22.89 -25.44 -9.58
C GLY B 299 -21.78 -26.27 -8.99
N ARG B 300 -21.38 -26.01 -7.75
CA ARG B 300 -20.28 -26.72 -7.15
C ARG B 300 -20.75 -28.05 -6.58
N ASN B 301 -19.85 -29.04 -6.59
CA ASN B 301 -20.23 -30.40 -6.20
C ASN B 301 -20.41 -30.58 -4.69
N GLN B 302 -19.77 -29.76 -3.86
CA GLN B 302 -19.90 -29.86 -2.40
C GLN B 302 -20.94 -28.87 -1.92
N ASN B 303 -21.93 -29.37 -1.19
CA ASN B 303 -23.00 -28.54 -0.65
C ASN B 303 -22.76 -28.40 0.85
N PRO B 304 -22.67 -27.20 1.42
CA PRO B 304 -22.55 -27.10 2.89
C PRO B 304 -23.65 -27.88 3.61
N ASP B 305 -23.28 -28.52 4.73
CA ASP B 305 -24.23 -29.22 5.58
C ASP B 305 -24.74 -28.25 6.65
N LEU B 306 -26.05 -28.05 6.69
CA LEU B 306 -26.70 -27.29 7.72
C LEU B 306 -27.53 -28.25 8.59
N PRO C 5 43.89 4.30 -11.30
CA PRO C 5 42.44 4.22 -11.51
C PRO C 5 42.12 3.62 -12.88
N GLY C 6 42.00 2.28 -12.92
CA GLY C 6 41.98 1.54 -14.17
C GLY C 6 40.67 1.63 -14.91
N THR C 7 40.70 1.17 -16.16
CA THR C 7 39.54 1.27 -17.05
C THR C 7 38.51 0.22 -16.66
N VAL C 8 37.25 0.64 -16.53
CA VAL C 8 36.22 -0.25 -16.04
C VAL C 8 35.78 -1.15 -17.20
N ASP C 9 35.98 -2.45 -17.04
CA ASP C 9 35.69 -3.47 -18.05
C ASP C 9 34.67 -4.47 -17.49
N LYS C 10 34.10 -5.26 -18.40
CA LYS C 10 33.15 -6.29 -17.98
C LYS C 10 33.74 -7.11 -16.83
N LYS C 11 35.00 -7.49 -16.96
CA LYS C 11 35.66 -8.32 -15.96
C LYS C 11 35.67 -7.65 -14.60
N MET C 12 35.87 -6.33 -14.55
CA MET C 12 35.93 -5.64 -13.27
C MET C 12 34.55 -5.51 -12.64
N VAL C 13 33.53 -5.29 -13.45
CA VAL C 13 32.17 -5.25 -12.92
C VAL C 13 31.81 -6.59 -12.30
N GLU C 14 32.19 -7.69 -12.95
CA GLU C 14 31.93 -9.01 -12.40
C GLU C 14 32.58 -9.19 -11.03
N LYS C 15 33.83 -8.76 -10.88
CA LYS C 15 34.50 -8.93 -9.60
C LYS C 15 33.81 -8.10 -8.53
N CYS C 16 33.32 -6.91 -8.91
CA CYS C 16 32.56 -6.08 -7.99
C CYS C 16 31.30 -6.78 -7.50
N TRP C 17 30.51 -7.38 -8.40
CA TRP C 17 29.32 -8.10 -7.93
C TRP C 17 29.72 -9.16 -6.93
N LYS C 18 30.77 -9.93 -7.25
CA LYS C 18 31.15 -11.04 -6.41
C LYS C 18 31.61 -10.55 -5.04
N LEU C 19 32.31 -9.40 -5.00
CA LEU C 19 32.71 -8.87 -3.73
C LEU C 19 31.52 -8.39 -2.92
N MET C 20 30.58 -7.68 -3.56
CA MET C 20 29.39 -7.24 -2.86
C MET C 20 28.53 -8.42 -2.47
N ASP C 21 28.38 -9.41 -3.38
CA ASP C 21 27.71 -10.66 -2.99
C ASP C 21 28.25 -11.14 -1.65
N LYS C 22 29.59 -11.15 -1.51
CA LYS C 22 30.19 -11.67 -0.29
C LYS C 22 29.86 -10.78 0.90
N VAL C 23 29.87 -9.45 0.72
CA VAL C 23 29.53 -8.59 1.85
C VAL C 23 28.12 -8.88 2.32
N VAL C 24 27.19 -9.03 1.37
CA VAL C 24 25.78 -9.29 1.71
C VAL C 24 25.66 -10.57 2.52
N ARG C 25 26.26 -11.66 2.05
CA ARG C 25 26.25 -12.91 2.80
C ARG C 25 26.78 -12.70 4.21
N LEU C 26 27.93 -12.01 4.35
CA LEU C 26 28.46 -11.75 5.68
C LEU C 26 27.47 -10.98 6.55
N CYS C 27 26.80 -9.99 5.97
CA CYS C 27 25.92 -9.13 6.73
C CYS C 27 24.54 -9.73 6.93
N GLN C 28 24.21 -10.81 6.22
CA GLN C 28 22.92 -11.46 6.43
C GLN C 28 22.90 -12.27 7.72
N ASN C 29 24.07 -12.75 8.14
CA ASN C 29 24.26 -13.58 9.32
C ASN C 29 23.36 -13.11 10.47
N PRO C 30 22.52 -13.99 11.02
CA PRO C 30 21.54 -13.52 12.01
C PRO C 30 22.15 -13.15 13.35
N LYS C 31 23.28 -13.75 13.74
CA LYS C 31 23.88 -13.36 15.01
C LYS C 31 24.59 -12.02 14.91
N LEU C 32 24.62 -11.41 13.74
CA LEU C 32 24.96 -9.99 13.70
C LEU C 32 23.83 -9.11 14.24
N ALA C 33 22.64 -9.70 14.44
CA ALA C 33 21.45 -8.96 14.85
C ALA C 33 21.50 -7.59 14.20
N LEU C 34 21.62 -7.58 12.88
CA LEU C 34 21.98 -6.37 12.14
C LEU C 34 20.80 -5.39 12.13
N LYS C 35 20.94 -4.31 12.89
CA LYS C 35 19.89 -3.30 12.99
C LYS C 35 19.54 -2.75 11.61
N ASN C 36 18.27 -2.38 11.46
CA ASN C 36 17.72 -1.92 10.19
C ASN C 36 17.89 -0.41 9.97
N SER C 37 18.57 0.27 10.87
CA SER C 37 18.61 1.73 10.82
C SER C 37 19.44 2.21 9.63
N PRO C 38 19.13 3.40 9.08
CA PRO C 38 20.02 3.95 8.06
C PRO C 38 21.37 4.31 8.66
N PRO C 39 22.48 4.02 7.98
CA PRO C 39 22.54 3.34 6.69
C PRO C 39 22.38 1.85 6.88
N TYR C 40 21.61 1.20 6.01
CA TYR C 40 21.39 -0.23 6.09
C TYR C 40 22.12 -0.88 4.91
N ILE C 41 23.19 -1.60 5.21
CA ILE C 41 24.03 -2.10 4.13
C ILE C 41 23.27 -3.11 3.29
N LEU C 42 22.33 -3.83 3.89
CA LEU C 42 21.57 -4.83 3.15
C LEU C 42 20.57 -4.22 2.19
N ASP C 43 20.28 -2.92 2.29
CA ASP C 43 19.54 -2.19 1.27
C ASP C 43 20.46 -1.44 0.31
N LEU C 44 21.56 -0.88 0.83
CA LEU C 44 22.42 -0.03 0.02
C LEU C 44 23.12 -0.82 -1.07
N LEU C 45 23.58 -2.05 -0.76
CA LEU C 45 24.25 -2.82 -1.79
C LEU C 45 23.29 -3.19 -2.91
N PRO C 46 22.10 -3.75 -2.65
CA PRO C 46 21.16 -3.98 -3.76
C PRO C 46 20.84 -2.72 -4.53
N ASP C 47 20.57 -1.62 -3.83
CA ASP C 47 20.31 -0.35 -4.51
C ASP C 47 21.52 0.09 -5.36
N THR C 48 22.73 -0.10 -4.84
CA THR C 48 23.91 0.25 -5.63
C THR C 48 24.02 -0.60 -6.87
N TYR C 49 23.81 -1.91 -6.72
CA TYR C 49 23.81 -2.81 -7.86
C TYR C 49 22.77 -2.39 -8.89
N GLN C 50 21.55 -2.12 -8.44
CA GLN C 50 20.48 -1.77 -9.37
C GLN C 50 20.84 -0.50 -10.13
N HIS C 51 21.42 0.49 -9.44
CA HIS C 51 21.77 1.71 -10.16
C HIS C 51 22.95 1.49 -11.11
N LEU C 52 23.96 0.70 -10.71
CA LEU C 52 25.06 0.41 -11.63
C LEU C 52 24.57 -0.35 -12.85
N ARG C 53 23.65 -1.31 -12.64
CA ARG C 53 23.03 -2.01 -13.77
C ARG C 53 22.30 -1.02 -14.69
N THR C 54 21.68 0.00 -14.11
CA THR C 54 21.01 1.00 -14.94
C THR C 54 22.03 1.78 -15.76
N ILE C 55 23.13 2.21 -15.13
CA ILE C 55 24.18 2.90 -15.86
C ILE C 55 24.70 2.03 -16.99
N LEU C 56 24.94 0.75 -16.70
CA LEU C 56 25.48 -0.14 -17.72
C LEU C 56 24.50 -0.33 -18.86
N SER C 57 23.22 -0.46 -18.54
CA SER C 57 22.22 -0.55 -19.58
C SER C 57 22.21 0.71 -20.46
N ARG C 58 22.37 1.90 -19.86
CA ARG C 58 22.40 3.11 -20.68
C ARG C 58 23.60 3.20 -21.60
N TYR C 59 24.68 2.47 -21.31
CA TYR C 59 25.92 2.56 -22.07
C TYR C 59 26.21 1.28 -22.86
N GLU C 60 25.18 0.48 -23.14
CA GLU C 60 25.34 -0.61 -24.08
C GLU C 60 25.68 -0.02 -25.44
N GLY C 61 26.73 -0.54 -26.06
CA GLY C 61 27.21 0.01 -27.32
C GLY C 61 28.05 1.26 -27.18
N LYS C 62 28.25 1.76 -25.96
CA LYS C 62 29.11 2.92 -25.69
C LYS C 62 30.03 2.63 -24.52
N MET C 63 30.36 1.35 -24.29
CA MET C 63 31.09 0.98 -23.09
C MET C 63 32.49 1.56 -23.05
N GLU C 64 33.10 1.81 -24.21
CA GLU C 64 34.39 2.50 -24.20
C GLU C 64 34.26 3.87 -23.57
N THR C 65 33.18 4.59 -23.90
CA THR C 65 32.93 5.90 -23.29
C THR C 65 32.75 5.79 -21.78
N LEU C 66 32.02 4.77 -21.31
CA LEU C 66 31.76 4.65 -19.87
C LEU C 66 33.00 4.17 -19.11
N GLY C 67 33.71 3.18 -19.65
CA GLY C 67 34.84 2.62 -18.92
C GLY C 67 36.01 3.57 -18.74
N GLU C 68 36.12 4.59 -19.59
CA GLU C 68 37.18 5.58 -19.47
C GLU C 68 36.77 6.84 -18.70
N ASN C 69 35.46 7.06 -18.51
CA ASN C 69 35.00 8.16 -17.67
C ASN C 69 35.72 8.13 -16.33
N GLU C 70 36.35 9.25 -15.98
CA GLU C 70 37.27 9.28 -14.84
C GLU C 70 36.53 9.10 -13.53
N TYR C 71 35.41 9.82 -13.33
CA TYR C 71 34.65 9.65 -12.10
C TYR C 71 34.22 8.20 -11.94
N PHE C 72 33.82 7.55 -13.02
CA PHE C 72 33.38 6.16 -12.89
C PHE C 72 34.55 5.25 -12.54
N ARG C 73 35.74 5.53 -13.07
CA ARG C 73 36.91 4.73 -12.71
C ARG C 73 37.26 4.90 -11.24
N VAL C 74 37.28 6.13 -10.74
CA VAL C 74 37.52 6.35 -9.33
C VAL C 74 36.45 5.67 -8.49
N PHE C 75 35.20 5.67 -8.98
CA PHE C 75 34.12 5.20 -8.13
C PHE C 75 34.17 3.69 -7.96
N MET C 76 34.34 2.99 -9.07
CA MET C 76 34.42 1.52 -9.03
C MET C 76 35.63 1.07 -8.23
N GLU C 77 36.77 1.77 -8.37
CA GLU C 77 37.94 1.41 -7.59
C GLU C 77 37.62 1.53 -6.11
N ASN C 78 36.99 2.63 -5.72
CA ASN C 78 36.60 2.83 -4.33
C ASN C 78 35.59 1.80 -3.87
N LEU C 79 34.63 1.46 -4.74
CA LEU C 79 33.64 0.48 -4.34
C LEU C 79 34.30 -0.86 -4.08
N MET C 80 35.20 -1.26 -4.96
CA MET C 80 35.89 -2.53 -4.78
C MET C 80 36.77 -2.51 -3.54
N LYS C 81 37.43 -1.39 -3.28
CA LYS C 81 38.29 -1.28 -2.10
C LYS C 81 37.47 -1.25 -0.81
N LYS C 82 36.31 -0.59 -0.83
CA LYS C 82 35.50 -0.51 0.36
C LYS C 82 34.82 -1.84 0.66
N THR C 83 34.46 -2.61 -0.38
CA THR C 83 33.91 -3.92 -0.12
C THR C 83 35.00 -4.91 0.33
N LYS C 84 36.18 -4.88 -0.30
CA LYS C 84 37.31 -5.69 0.20
C LYS C 84 37.60 -5.37 1.66
N GLN C 85 37.71 -4.08 1.99
CA GLN C 85 37.76 -3.65 3.39
C GLN C 85 36.72 -4.37 4.26
N THR C 86 35.45 -4.26 3.87
CA THR C 86 34.37 -4.82 4.68
C THR C 86 34.53 -6.32 4.85
N ILE C 87 34.90 -7.01 3.78
CA ILE C 87 35.15 -8.44 3.86
C ILE C 87 36.27 -8.75 4.86
N SER C 88 37.36 -7.96 4.83
CA SER C 88 38.50 -8.18 5.74
C SER C 88 38.11 -7.95 7.18
N LEU C 89 37.24 -6.96 7.43
CA LEU C 89 36.69 -6.75 8.74
C LEU C 89 36.19 -8.06 9.32
N PHE C 90 35.45 -8.82 8.51
CA PHE C 90 34.82 -10.04 9.01
C PHE C 90 35.86 -11.15 9.17
N LYS C 91 36.78 -11.26 8.22
CA LYS C 91 37.79 -12.32 8.30
C LYS C 91 38.69 -12.13 9.52
N GLU C 92 39.21 -10.92 9.73
CA GLU C 92 40.06 -10.68 10.89
C GLU C 92 39.26 -10.59 12.19
N GLY C 93 38.07 -9.97 12.15
CA GLY C 93 37.27 -9.82 13.36
C GLY C 93 36.69 -11.11 13.88
N LYS C 94 36.22 -11.98 12.98
CA LYS C 94 35.67 -13.31 13.30
C LYS C 94 34.48 -13.12 14.25
N GLU C 95 34.37 -13.89 15.33
CA GLU C 95 33.21 -13.81 16.23
C GLU C 95 33.14 -12.49 17.00
N ARG C 96 34.15 -11.63 16.88
CA ARG C 96 34.04 -10.31 17.45
C ARG C 96 32.97 -9.49 16.76
N MET C 97 32.65 -9.83 15.51
CA MET C 97 31.65 -9.09 14.75
C MET C 97 30.27 -9.15 15.39
N TYR C 98 29.96 -10.23 16.10
CA TYR C 98 28.62 -10.43 16.63
C TYR C 98 28.38 -9.58 17.88
N GLU C 99 29.43 -9.32 18.66
CA GLU C 99 29.31 -8.40 19.77
C GLU C 99 29.05 -6.99 19.24
N GLU C 100 28.06 -6.31 19.84
CA GLU C 100 27.52 -5.09 19.25
C GLU C 100 28.48 -3.92 19.36
N ASN C 101 28.96 -3.62 20.56
CA ASN C 101 29.79 -2.42 20.71
C ASN C 101 31.21 -2.61 20.21
N SER C 102 31.57 -3.83 19.79
CA SER C 102 32.95 -4.15 19.46
C SER C 102 33.48 -3.21 18.37
N GLN C 103 34.78 -2.93 18.42
CA GLN C 103 35.38 -2.03 17.45
C GLN C 103 35.18 -2.51 16.01
N PRO C 104 35.19 -3.81 15.71
CA PRO C 104 34.90 -4.24 14.34
C PRO C 104 33.49 -3.88 13.90
N ARG C 105 32.51 -3.89 14.81
CA ARG C 105 31.14 -3.50 14.43
C ARG C 105 30.99 -2.00 14.27
N ARG C 106 31.76 -1.21 15.00
CA ARG C 106 31.73 0.23 14.76
C ARG C 106 32.39 0.57 13.44
N ASN C 107 33.41 -0.20 13.03
CA ASN C 107 33.97 -0.01 11.71
C ASN C 107 33.00 -0.46 10.62
N LEU C 108 32.21 -1.52 10.87
CA LEU C 108 31.17 -1.90 9.92
C LEU C 108 30.16 -0.76 9.73
N THR C 109 29.67 -0.18 10.83
CA THR C 109 28.78 0.96 10.72
C THR C 109 29.44 2.11 9.98
N LYS C 110 30.71 2.40 10.29
CA LYS C 110 31.40 3.46 9.55
C LYS C 110 31.39 3.17 8.06
N LEU C 111 31.70 1.94 7.67
CA LEU C 111 31.68 1.61 6.24
C LEU C 111 30.26 1.68 5.68
N SER C 112 29.24 1.38 6.48
CA SER C 112 27.86 1.45 5.99
C SER C 112 27.49 2.89 5.62
N LEU C 113 27.87 3.85 6.46
CA LEU C 113 27.67 5.25 6.11
C LEU C 113 28.37 5.60 4.81
N ILE C 114 29.56 5.02 4.58
CA ILE C 114 30.29 5.34 3.36
C ILE C 114 29.57 4.76 2.14
N PHE C 115 29.11 3.51 2.24
CA PHE C 115 28.29 2.96 1.16
C PHE C 115 27.09 3.85 0.87
N SER C 116 26.43 4.36 1.92
CA SER C 116 25.30 5.26 1.73
C SER C 116 25.71 6.49 0.91
N HIS C 117 26.78 7.17 1.36
CA HIS C 117 27.29 8.34 0.65
C HIS C 117 27.67 8.00 -0.77
N MET C 118 28.24 6.82 -0.99
CA MET C 118 28.66 6.47 -2.33
C MET C 118 27.46 6.34 -3.27
N LEU C 119 26.36 5.76 -2.77
CA LEU C 119 25.15 5.62 -3.58
C LEU C 119 24.56 6.98 -3.89
N ALA C 120 24.36 7.83 -2.87
CA ALA C 120 23.88 9.19 -3.12
C ALA C 120 24.71 9.90 -4.17
N GLU C 121 26.05 9.80 -4.06
CA GLU C 121 26.92 10.50 -5.01
C GLU C 121 26.77 9.93 -6.41
N LEU C 122 26.68 8.60 -6.53
CA LEU C 122 26.52 7.98 -7.84
C LEU C 122 25.20 8.38 -8.48
N LYS C 123 24.13 8.48 -7.69
CA LYS C 123 22.85 8.93 -8.22
C LYS C 123 22.91 10.40 -8.62
N GLY C 124 23.63 11.23 -7.87
CA GLY C 124 23.73 12.63 -8.25
C GLY C 124 24.53 12.83 -9.53
N ILE C 125 25.56 12.01 -9.75
CA ILE C 125 26.41 12.15 -10.94
C ILE C 125 25.84 11.40 -12.13
N PHE C 126 25.04 10.36 -11.88
CA PHE C 126 24.47 9.52 -12.94
C PHE C 126 22.95 9.48 -12.77
N PRO C 127 22.29 10.64 -12.76
CA PRO C 127 20.83 10.64 -12.59
C PRO C 127 20.19 9.81 -13.69
N SER C 128 19.41 8.82 -13.29
CA SER C 128 18.79 7.89 -14.21
C SER C 128 19.84 7.18 -15.10
N GLY C 129 21.05 7.02 -14.61
CA GLY C 129 22.04 6.19 -15.27
C GLY C 129 22.85 6.86 -16.35
N LEU C 130 22.63 8.15 -16.60
CA LEU C 130 23.35 8.88 -17.64
C LEU C 130 24.33 9.86 -17.00
N PHE C 131 25.54 9.96 -17.54
CA PHE C 131 26.56 10.79 -16.88
C PHE C 131 26.23 12.25 -17.08
N GLN C 132 26.28 12.99 -15.97
CA GLN C 132 26.03 14.43 -15.97
C GLN C 132 26.96 15.16 -15.03
N GLY C 133 28.06 14.52 -14.60
CA GLY C 133 28.98 15.19 -13.70
C GLY C 133 29.41 16.55 -14.21
N ASP C 134 29.61 16.66 -15.53
CA ASP C 134 30.20 17.85 -16.13
C ASP C 134 29.23 19.03 -16.23
N THR C 135 27.93 18.79 -16.14
CA THR C 135 26.94 19.85 -16.01
C THR C 135 26.27 19.84 -14.65
N PHE C 136 26.94 19.29 -13.65
CA PHE C 136 26.35 19.24 -12.31
C PHE C 136 26.07 20.66 -11.82
N ARG C 137 24.95 20.82 -11.12
CA ARG C 137 24.47 22.13 -10.67
C ARG C 137 24.85 22.31 -9.21
N ILE C 138 25.86 23.13 -8.97
CA ILE C 138 26.26 23.47 -7.62
C ILE C 138 25.28 24.50 -7.06
N THR C 139 24.77 24.24 -5.86
CA THR C 139 23.65 25.01 -5.33
C THR C 139 24.01 26.48 -5.08
N LYS C 140 25.06 26.74 -4.31
CA LYS C 140 25.43 28.11 -3.98
C LYS C 140 26.22 28.74 -5.12
N ALA C 141 25.73 29.88 -5.63
CA ALA C 141 26.31 30.49 -6.82
C ALA C 141 27.80 30.80 -6.61
N ASP C 142 28.18 31.22 -5.40
CA ASP C 142 29.60 31.50 -5.13
C ASP C 142 30.43 30.23 -5.23
N ALA C 143 30.00 29.18 -4.53
CA ALA C 143 30.69 27.90 -4.64
C ALA C 143 30.79 27.45 -6.09
N ALA C 144 29.71 27.60 -6.86
CA ALA C 144 29.74 27.17 -8.26
C ALA C 144 30.80 27.92 -9.04
N GLU C 145 30.96 29.22 -8.78
CA GLU C 145 31.97 29.97 -9.51
C GLU C 145 33.38 29.55 -9.10
N PHE C 146 33.61 29.35 -7.79
CA PHE C 146 34.90 28.83 -7.35
C PHE C 146 35.25 27.55 -8.10
N TRP C 147 34.30 26.61 -8.17
CA TRP C 147 34.60 25.32 -8.78
C TRP C 147 34.89 25.48 -10.26
N ARG C 148 34.12 26.31 -10.98
CA ARG C 148 34.38 26.48 -12.41
C ARG C 148 35.73 27.15 -12.64
N LYS C 149 36.05 28.16 -11.83
CA LYS C 149 37.34 28.83 -11.98
C LYS C 149 38.49 27.88 -11.72
N ALA C 150 38.40 27.07 -10.65
CA ALA C 150 39.49 26.18 -10.29
C ALA C 150 39.56 24.96 -11.20
N PHE C 151 38.41 24.36 -11.50
CA PHE C 151 38.38 23.02 -12.06
C PHE C 151 37.53 22.90 -13.32
N GLY C 152 36.89 23.98 -13.78
CA GLY C 152 36.13 23.91 -15.00
C GLY C 152 34.87 23.09 -14.87
N GLU C 153 34.74 22.05 -15.70
CA GLU C 153 33.62 21.13 -15.58
C GLU C 153 34.07 19.74 -15.16
N LYS C 154 35.20 19.67 -14.46
CA LYS C 154 35.61 18.42 -13.86
C LYS C 154 34.59 17.96 -12.85
N THR C 155 34.38 16.65 -12.80
CA THR C 155 33.48 16.05 -11.83
C THR C 155 34.19 15.69 -10.54
N ILE C 156 35.52 15.50 -10.59
CA ILE C 156 36.25 14.84 -9.52
C ILE C 156 37.69 15.35 -9.55
N VAL C 157 38.27 15.62 -8.36
CA VAL C 157 39.67 16.08 -8.28
C VAL C 157 40.35 15.55 -7.02
N PRO C 158 41.66 15.26 -7.06
CA PRO C 158 42.36 14.76 -5.87
C PRO C 158 42.26 15.73 -4.70
N TRP C 159 42.22 15.17 -3.50
CA TRP C 159 42.21 15.98 -2.30
C TRP C 159 43.25 17.09 -2.33
N LYS C 160 44.50 16.76 -2.72
CA LYS C 160 45.58 17.74 -2.63
C LYS C 160 45.32 18.93 -3.52
N SER C 161 44.90 18.69 -4.77
CA SER C 161 44.57 19.78 -5.67
C SER C 161 43.36 20.56 -5.18
N PHE C 162 42.44 19.93 -4.45
CA PHE C 162 41.33 20.69 -3.90
C PHE C 162 41.77 21.47 -2.68
N ARG C 163 42.51 20.84 -1.77
CA ARG C 163 43.11 21.58 -0.65
C ARG C 163 43.82 22.82 -1.17
N GLN C 164 44.68 22.66 -2.18
CA GLN C 164 45.47 23.79 -2.70
C GLN C 164 44.57 24.91 -3.21
N ALA C 165 43.62 24.58 -4.09
CA ALA C 165 42.80 25.62 -4.70
C ALA C 165 41.95 26.32 -3.66
N LEU C 166 41.35 25.56 -2.75
CA LEU C 166 40.54 26.17 -1.71
C LEU C 166 41.37 27.11 -0.88
N HIS C 167 42.63 26.72 -0.64
CA HIS C 167 43.50 27.50 0.24
C HIS C 167 43.71 28.91 -0.31
N GLU C 168 43.87 29.02 -1.62
CA GLU C 168 44.05 30.33 -2.26
C GLU C 168 42.95 31.32 -1.91
N VAL C 169 41.72 30.83 -1.74
CA VAL C 169 40.58 31.70 -1.45
C VAL C 169 40.25 31.71 0.03
N HIS C 170 40.40 30.57 0.70
CA HIS C 170 40.02 30.41 2.10
C HIS C 170 41.17 29.72 2.80
N PRO C 171 42.10 30.48 3.37
CA PRO C 171 43.30 29.87 3.94
C PRO C 171 42.97 28.79 4.95
N ILE C 172 43.53 27.61 4.74
CA ILE C 172 43.47 26.54 5.74
C ILE C 172 44.68 26.72 6.64
N SER C 173 44.44 26.82 7.97
CA SER C 173 45.45 27.29 8.91
C SER C 173 46.44 26.22 9.37
N SER C 174 46.30 24.95 8.98
CA SER C 174 47.24 23.92 9.46
C SER C 174 46.93 22.57 8.80
N GLY C 175 47.91 21.67 8.89
CA GLY C 175 47.74 20.33 8.35
C GLY C 175 46.74 19.52 9.14
N LEU C 176 46.63 19.79 10.43
CA LEU C 176 45.61 19.16 11.24
C LEU C 176 44.22 19.66 10.85
N GLU C 177 44.07 20.97 10.65
CA GLU C 177 42.77 21.49 10.27
C GLU C 177 42.38 20.98 8.90
N ALA C 178 43.37 20.85 8.01
CA ALA C 178 43.10 20.32 6.69
C ALA C 178 42.58 18.89 6.77
N MET C 179 43.03 18.14 7.78
CA MET C 179 42.60 16.75 7.84
C MET C 179 41.21 16.64 8.41
N ALA C 180 40.89 17.43 9.44
CA ALA C 180 39.52 17.53 9.91
C ALA C 180 38.61 17.98 8.77
N LEU C 181 39.09 18.92 7.96
CA LEU C 181 38.27 19.41 6.88
C LEU C 181 38.03 18.30 5.87
N LYS C 182 39.07 17.54 5.53
CA LYS C 182 38.90 16.42 4.63
C LYS C 182 37.86 15.45 5.16
N SER C 183 37.87 15.19 6.46
CA SER C 183 36.91 14.26 7.05
C SER C 183 35.48 14.74 6.85
N THR C 184 35.25 16.05 6.83
CA THR C 184 33.94 16.62 6.63
C THR C 184 33.50 16.53 5.16
N ILE C 185 34.41 16.74 4.23
CA ILE C 185 34.05 16.95 2.84
C ILE C 185 34.15 15.66 2.02
N ASP C 186 35.12 14.81 2.34
CA ASP C 186 35.36 13.59 1.56
C ASP C 186 34.49 12.47 2.13
N LEU C 187 33.20 12.52 1.78
CA LEU C 187 32.23 11.58 2.32
C LEU C 187 32.50 10.15 1.86
N THR C 188 32.89 9.97 0.60
CA THR C 188 33.19 8.64 0.07
C THR C 188 34.59 8.13 0.47
N CYS C 189 35.36 8.92 1.21
CA CYS C 189 36.68 8.50 1.73
C CYS C 189 37.52 7.83 0.65
N ASN C 190 37.64 8.51 -0.49
CA ASN C 190 38.51 8.02 -1.57
C ASN C 190 39.64 8.99 -1.89
N ASP C 191 39.89 9.99 -1.05
CA ASP C 191 40.94 10.99 -1.28
C ASP C 191 40.69 11.77 -2.56
N TYR C 192 39.42 11.85 -2.97
CA TYR C 192 39.01 12.78 -4.01
C TYR C 192 37.86 13.62 -3.48
N ILE C 193 37.67 14.79 -4.09
CA ILE C 193 36.49 15.61 -3.87
C ILE C 193 35.73 15.66 -5.18
N SER C 194 34.52 15.09 -5.20
CA SER C 194 33.66 15.25 -6.36
C SER C 194 32.88 16.56 -6.24
N VAL C 195 32.46 17.06 -7.41
CA VAL C 195 31.57 18.21 -7.47
C VAL C 195 30.34 18.03 -6.56
N PHE C 196 29.87 16.78 -6.41
CA PHE C 196 28.73 16.46 -5.54
C PHE C 196 29.08 16.64 -4.07
N GLU C 197 30.21 16.08 -3.63
CA GLU C 197 30.67 16.34 -2.26
C GLU C 197 30.86 17.84 -2.04
N PHE C 198 31.40 18.52 -3.03
CA PHE C 198 31.63 19.95 -2.88
C PHE C 198 30.31 20.70 -2.71
N ASP C 199 29.29 20.32 -3.50
CA ASP C 199 27.95 20.92 -3.34
C ASP C 199 27.45 20.76 -1.93
N ILE C 200 27.55 19.54 -1.38
CA ILE C 200 27.01 19.28 -0.05
C ILE C 200 27.72 20.15 0.99
N PHE C 201 29.06 20.17 0.96
CA PHE C 201 29.81 20.90 1.98
C PHE C 201 29.47 22.38 1.95
N THR C 202 29.42 22.97 0.76
CA THR C 202 29.18 24.42 0.67
C THR C 202 27.74 24.79 1.00
N ARG C 203 26.81 23.84 0.91
CA ARG C 203 25.44 24.12 1.33
C ARG C 203 25.35 24.12 2.84
N LEU C 204 26.08 23.21 3.47
CA LEU C 204 25.96 23.01 4.92
C LEU C 204 26.64 24.12 5.70
N PHE C 205 27.66 24.75 5.13
CA PHE C 205 28.47 25.73 5.85
C PHE C 205 28.52 27.05 5.09
N GLN C 206 27.48 27.31 4.29
CA GLN C 206 27.29 28.63 3.70
C GLN C 206 27.16 29.67 4.81
N PRO C 207 27.41 30.95 4.49
CA PRO C 207 27.78 31.51 3.19
C PRO C 207 29.24 31.28 2.82
N TRP C 208 29.48 31.18 1.52
CA TRP C 208 30.81 30.93 1.01
C TRP C 208 31.82 31.98 1.49
N SER C 209 31.35 33.21 1.73
CA SER C 209 32.27 34.31 2.01
C SER C 209 33.01 34.11 3.32
N SER C 210 32.47 33.33 4.25
CA SER C 210 33.14 32.97 5.49
C SER C 210 33.13 31.46 5.71
N LEU C 211 33.25 30.70 4.62
CA LEU C 211 33.08 29.25 4.63
C LEU C 211 33.74 28.54 5.82
N LEU C 212 35.07 28.61 5.94
CA LEU C 212 35.77 27.83 6.97
C LEU C 212 35.51 28.36 8.37
N ARG C 213 35.30 29.67 8.50
CA ARG C 213 34.84 30.18 9.78
C ARG C 213 33.48 29.61 10.11
N ASN C 214 32.60 29.49 9.11
CA ASN C 214 31.32 28.83 9.35
C ASN C 214 31.56 27.40 9.76
N TRP C 215 32.42 26.69 9.02
CA TRP C 215 32.69 25.30 9.34
C TRP C 215 33.22 25.15 10.76
N ASN C 216 34.21 25.99 11.15
CA ASN C 216 34.67 25.99 12.53
C ASN C 216 33.55 26.28 13.52
N SER C 217 32.74 27.32 13.26
CA SER C 217 31.69 27.68 14.21
C SER C 217 30.71 26.53 14.44
N LEU C 218 30.49 25.68 13.44
CA LEU C 218 29.44 24.67 13.51
C LEU C 218 29.96 23.27 13.77
N ALA C 219 31.08 22.89 13.16
CA ALA C 219 31.53 21.51 13.18
C ALA C 219 32.82 21.26 13.96
N VAL C 220 33.52 22.32 14.41
CA VAL C 220 34.75 22.17 15.21
C VAL C 220 34.50 22.55 16.68
N THR C 221 34.05 23.78 16.93
CA THR C 221 33.97 24.30 18.29
C THR C 221 32.56 24.27 18.90
N HIS C 222 31.56 23.72 18.20
CA HIS C 222 30.19 23.70 18.74
C HIS C 222 29.89 22.36 19.39
N PRO C 223 29.62 22.30 20.70
CA PRO C 223 29.28 21.01 21.33
C PRO C 223 27.89 20.50 20.98
N GLY C 224 27.09 21.29 20.25
CA GLY C 224 25.82 20.83 19.72
C GLY C 224 25.90 19.94 18.49
N TYR C 225 27.06 19.87 17.84
CA TYR C 225 27.21 19.18 16.56
C TYR C 225 27.42 17.69 16.78
N MET C 226 26.57 16.87 16.14
CA MET C 226 26.57 15.42 16.34
C MET C 226 26.97 14.65 15.09
N ALA C 227 27.39 15.33 14.04
CA ALA C 227 27.71 14.68 12.74
C ALA C 227 26.48 13.90 12.30
N PHE C 228 26.60 12.65 11.86
CA PHE C 228 25.47 11.89 11.32
C PHE C 228 24.79 11.10 12.42
N LEU C 229 23.48 11.35 12.59
CA LEU C 229 22.63 10.57 13.48
C LEU C 229 21.27 10.35 12.83
N THR C 230 20.58 9.32 13.28
CA THR C 230 19.20 9.09 12.85
C THR C 230 18.22 9.85 13.75
N TYR C 231 16.97 9.90 13.31
CA TYR C 231 15.90 10.48 14.13
C TYR C 231 15.84 9.82 15.50
N ASP C 232 15.98 8.50 15.56
CA ASP C 232 15.89 7.80 16.84
C ASP C 232 17.13 8.02 17.70
N GLU C 233 18.32 8.05 17.09
CA GLU C 233 19.53 8.35 17.85
C GLU C 233 19.43 9.73 18.50
N VAL C 234 18.82 10.69 17.81
CA VAL C 234 18.68 12.02 18.37
C VAL C 234 17.80 11.98 19.60
N LYS C 235 16.68 11.27 19.52
CA LYS C 235 15.77 11.19 20.66
C LYS C 235 16.44 10.52 21.85
N ALA C 236 17.32 9.54 21.60
CA ALA C 236 17.97 8.82 22.69
C ALA C 236 19.00 9.69 23.37
N ARG C 237 19.82 10.39 22.59
CA ARG C 237 20.74 11.38 23.15
C ARG C 237 20.00 12.35 24.07
N LEU C 238 18.98 13.02 23.55
CA LEU C 238 18.28 14.07 24.29
C LEU C 238 17.42 13.55 25.44
N GLN C 239 17.37 12.24 25.68
CA GLN C 239 16.55 11.76 26.78
C GLN C 239 17.24 11.96 28.13
N LYS C 240 18.57 11.96 28.15
CA LYS C 240 19.30 12.34 29.36
C LYS C 240 18.90 13.72 29.87
N PHE C 241 18.28 14.55 29.02
CA PHE C 241 17.96 15.93 29.38
C PHE C 241 16.47 16.24 29.24
N ILE C 242 15.62 15.21 29.21
CA ILE C 242 14.20 15.43 28.94
C ILE C 242 13.58 16.30 30.02
N HIS C 243 14.14 16.26 31.23
CA HIS C 243 13.85 17.24 32.27
C HIS C 243 14.91 18.33 32.17
N LYS C 244 14.71 19.25 31.19
CA LYS C 244 15.56 20.42 30.97
C LYS C 244 15.19 21.14 29.68
N PRO C 245 14.01 21.81 29.62
CA PRO C 245 13.70 22.64 28.45
C PRO C 245 14.87 23.46 27.94
N GLY C 246 15.22 23.27 26.67
CA GLY C 246 16.29 24.01 26.03
C GLY C 246 17.48 23.17 25.60
N SER C 247 17.62 21.97 26.14
CA SER C 247 18.62 21.03 25.64
C SER C 247 18.42 20.79 24.14
N TYR C 248 19.52 20.80 23.38
CA TYR C 248 19.39 20.69 21.94
C TYR C 248 20.72 20.24 21.32
N ILE C 249 20.60 19.57 20.17
CA ILE C 249 21.71 19.16 19.33
C ILE C 249 21.31 19.39 17.89
N PHE C 250 22.28 19.38 16.98
CA PHE C 250 22.00 19.43 15.56
C PHE C 250 22.89 18.42 14.85
N ARG C 251 22.42 17.94 13.70
CA ARG C 251 22.95 16.73 13.09
C ARG C 251 22.89 16.81 11.57
N LEU C 252 23.59 15.88 10.95
CA LEU C 252 23.47 15.58 9.55
C LEU C 252 22.67 14.29 9.39
N SER C 253 22.09 14.10 8.20
CA SER C 253 21.24 12.95 7.89
C SER C 253 21.74 12.28 6.63
N CYS C 254 22.02 10.98 6.73
CA CYS C 254 22.54 10.28 5.56
C CYS C 254 21.51 10.15 4.46
N THR C 255 20.22 10.25 4.79
CA THR C 255 19.19 10.22 3.76
C THR C 255 18.88 11.61 3.20
N ARG C 256 19.33 12.70 3.85
CA ARG C 256 19.15 14.07 3.35
C ARG C 256 20.51 14.80 3.39
N LEU C 257 21.41 14.39 2.50
CA LEU C 257 22.71 15.04 2.46
C LEU C 257 22.57 16.50 2.08
N GLY C 258 23.33 17.34 2.76
CA GLY C 258 23.32 18.75 2.45
C GLY C 258 22.35 19.57 3.26
N GLN C 259 21.68 19.00 4.24
CA GLN C 259 20.82 19.81 5.08
C GLN C 259 20.93 19.34 6.51
N TRP C 260 20.64 20.26 7.41
CA TRP C 260 20.76 20.10 8.84
C TRP C 260 19.45 19.65 9.46
N ALA C 261 19.54 19.05 10.64
CA ALA C 261 18.37 18.80 11.46
C ALA C 261 18.71 19.11 12.91
N ILE C 262 17.72 19.67 13.62
CA ILE C 262 17.84 20.02 15.03
C ILE C 262 16.86 19.18 15.83
N GLY C 263 17.28 18.78 17.02
CA GLY C 263 16.35 18.30 18.03
C GLY C 263 16.55 19.07 19.31
N TYR C 264 15.45 19.26 20.04
CA TYR C 264 15.49 19.94 21.32
C TYR C 264 14.44 19.31 22.23
N VAL C 265 14.53 19.61 23.53
CA VAL C 265 13.47 19.27 24.47
C VAL C 265 12.63 20.53 24.70
N THR C 266 11.33 20.39 24.59
CA THR C 266 10.42 21.52 24.62
C THR C 266 9.98 21.81 26.06
N ALA C 267 9.33 22.95 26.24
CA ALA C 267 8.80 23.30 27.57
C ALA C 267 7.95 22.16 28.12
N ASP C 268 7.10 21.57 27.26
CA ASP C 268 6.21 20.47 27.62
C ASP C 268 6.95 19.21 28.07
N GLY C 269 8.28 19.22 28.04
CA GLY C 269 9.05 18.03 28.35
C GLY C 269 9.09 16.99 27.26
N ASN C 270 8.74 17.36 26.03
CA ASN C 270 8.80 16.46 24.89
C ASN C 270 10.08 16.71 24.10
N ILE C 271 10.34 15.82 23.12
CA ILE C 271 11.52 15.90 22.25
C ILE C 271 11.03 16.04 20.82
N LEU C 272 11.25 17.21 20.24
CA LEU C 272 10.83 17.52 18.88
C LEU C 272 12.05 17.65 17.97
N GLN C 273 11.82 17.53 16.66
CA GLN C 273 12.88 17.63 15.68
C GLN C 273 12.42 18.47 14.51
N THR C 274 13.38 19.13 13.87
CA THR C 274 13.07 20.13 12.86
C THR C 274 14.14 20.08 11.78
N ILE C 275 13.94 20.92 10.76
CA ILE C 275 14.94 21.28 9.77
C ILE C 275 14.85 22.79 9.67
N PRO C 276 15.93 23.52 9.39
CA PRO C 276 15.80 24.93 9.01
C PRO C 276 15.11 25.09 7.66
N HIS C 277 14.22 26.10 7.57
CA HIS C 277 13.43 26.34 6.37
C HIS C 277 14.30 26.88 5.23
N ASN C 278 14.40 28.21 5.13
CA ASN C 278 15.23 28.86 4.11
C ASN C 278 16.32 29.72 4.75
N LYS C 279 16.74 29.40 5.98
CA LYS C 279 17.82 30.09 6.66
C LYS C 279 18.93 29.11 7.02
N PRO C 280 20.19 29.52 6.96
CA PRO C 280 21.28 28.61 7.32
C PRO C 280 21.17 28.17 8.77
N LEU C 281 22.02 27.22 9.14
CA LEU C 281 22.01 26.77 10.51
C LEU C 281 22.53 27.84 11.46
N PHE C 282 23.50 28.64 11.00
CA PHE C 282 24.03 29.73 11.83
C PHE C 282 22.88 30.59 12.35
N GLN C 283 21.94 30.94 11.48
CA GLN C 283 20.86 31.84 11.88
C GLN C 283 19.78 31.12 12.68
N ALA C 284 19.46 29.87 12.32
CA ALA C 284 18.40 29.15 13.02
C ALA C 284 18.77 28.89 14.48
N LEU C 285 20.06 28.89 14.81
CA LEU C 285 20.49 28.74 16.19
C LEU C 285 20.40 30.06 16.94
N ILE C 286 20.66 31.17 16.25
CA ILE C 286 20.48 32.49 16.85
C ILE C 286 19.03 32.69 17.25
N ASP C 287 18.13 32.60 16.27
CA ASP C 287 16.72 32.87 16.48
C ASP C 287 16.04 31.82 17.34
N GLY C 288 16.73 30.74 17.68
CA GLY C 288 16.16 29.69 18.51
C GLY C 288 16.69 29.79 19.92
N PHE C 289 17.89 30.35 20.07
CA PHE C 289 18.39 30.68 21.39
C PHE C 289 17.75 31.95 21.92
N ARG C 290 17.51 32.93 21.03
CA ARG C 290 16.80 34.15 21.37
C ARG C 290 15.29 33.94 21.36
N GLU C 291 14.85 32.71 21.70
CA GLU C 291 13.44 32.42 21.94
C GLU C 291 13.28 31.25 22.91
N GLY C 292 14.30 30.89 23.68
CA GLY C 292 14.13 29.89 24.71
C GLY C 292 14.16 28.45 24.25
N PHE C 293 14.36 28.19 22.96
CA PHE C 293 14.32 26.84 22.43
C PHE C 293 15.67 26.15 22.49
N TYR C 294 16.70 26.77 21.91
CA TYR C 294 18.03 26.18 21.76
C TYR C 294 18.97 26.87 22.76
N LEU C 295 18.89 26.43 24.01
CA LEU C 295 19.62 27.05 25.12
C LEU C 295 20.82 26.26 25.56
N PHE C 296 20.76 24.93 25.50
CA PHE C 296 21.75 24.08 26.16
C PHE C 296 22.33 23.04 25.20
N PRO C 297 23.39 23.39 24.48
CA PRO C 297 23.97 22.45 23.51
C PRO C 297 24.43 21.18 24.22
N ASP C 298 23.88 20.06 23.78
CA ASP C 298 24.16 18.74 24.39
C ASP C 298 23.95 18.76 25.90
N GLY C 299 23.13 19.68 26.40
CA GLY C 299 22.84 19.80 27.81
C GLY C 299 23.65 20.85 28.53
N ARG C 300 24.69 21.39 27.90
CA ARG C 300 25.58 22.34 28.55
C ARG C 300 24.90 23.70 28.72
N ASN C 301 25.26 24.40 29.79
CA ASN C 301 24.67 25.71 30.03
C ASN C 301 25.29 26.78 29.13
N GLN C 302 26.57 26.63 28.79
CA GLN C 302 27.26 27.59 27.93
C GLN C 302 26.85 27.36 26.48
N ASN C 303 26.06 28.29 25.94
CA ASN C 303 25.68 28.27 24.52
C ASN C 303 26.60 29.19 23.73
N PRO C 304 27.28 28.72 22.68
CA PRO C 304 28.20 29.59 21.93
C PRO C 304 27.48 30.77 21.31
N ASP C 305 28.29 31.73 20.84
CA ASP C 305 27.82 32.96 20.22
C ASP C 305 28.28 33.04 18.78
N LEU C 306 27.47 33.69 17.94
CA LEU C 306 27.68 33.69 16.50
C LEU C 306 27.24 35.02 15.86
NA NA D . 6.21 -16.05 -1.23
NA NA E . -27.95 2.34 9.15
NA NA F . 35.51 11.67 -2.13
#